data_2PJ5
#
_entry.id   2PJ5
#
_cell.length_a   66.805
_cell.length_b   96.145
_cell.length_c   135.875
_cell.angle_alpha   90.00
_cell.angle_beta   90.00
_cell.angle_gamma   90.00
#
_symmetry.space_group_name_H-M   'P 21 21 21'
#
loop_
_entity.id
_entity.type
_entity.pdbx_description
1 polymer 'Carboxypeptidase B'
2 non-polymer 'ZINC ION'
3 non-polymer '(5R,6S,8S)-8-(3-{[AMINO(IMINO)METHYL]AMINO}PHENYL)-6-HYDROXY-3-OXO-5-PENTYL-1-PHENYL-2,7-DIOXA-4-AZA-6-PHOSPHANONAN-9-OIC ACID 6-OXIDE'
4 water water
#
_entity_poly.entity_id   1
_entity_poly.type   'polypeptide(L)'
_entity_poly.pdbx_seq_one_letter_code
;TTGHSYEKYNNWETIEAWTKQVTSENPDLISRTAIGTTFLGNNIYLLKVGKPGPNKPAIFMDCGFHAREWISHAFCQWFV
REAVLTYGYESHMTEFLNKLDFYVLPVLNIDGYIYTWTKNRMWRKTRSTNAGTTCIGTDPNRNFDAGWCTTGASTDPCDE
TYCGSAAESEKETKALADFIRNNLSSIKAYLTIHSYSQMILYPYSYDYKLPENNAELNNLAKAAVKELATLYGTKYTYGP
GATTIYPAAGGSDDWAYDQGIKYSFTFELRDKGRYGFILPESQIQATCEETMLAIKYVTNYVLGHL
;
_entity_poly.pdbx_strand_id   A,B,C
#
loop_
_chem_comp.id
_chem_comp.type
_chem_comp.name
_chem_comp.formula
11B non-polymer '(5R,6S,8S)-8-(3-{[AMINO(IMINO)METHYL]AMINO}PHENYL)-6-HYDROXY-3-OXO-5-PENTYL-1-PHENYL-2,7-DIOXA-4-AZA-6-PHOSPHANONAN-9-OIC ACID 6-OXIDE' 'C23 H31 N4 O7 P'
ZN non-polymer 'ZINC ION' 'Zn 2'
#
# COMPACT_ATOMS: atom_id res chain seq x y z
N GLY A 3 -33.71 -3.25 -16.42
CA GLY A 3 -34.53 -3.92 -17.42
C GLY A 3 -33.71 -4.83 -18.31
N HIS A 4 -34.39 -5.72 -19.02
CA HIS A 4 -33.73 -6.68 -19.89
C HIS A 4 -33.50 -6.10 -21.28
N SER A 5 -32.35 -6.41 -21.87
CA SER A 5 -32.10 -6.08 -23.27
C SER A 5 -31.40 -7.25 -23.95
N TYR A 6 -31.84 -7.59 -25.17
CA TYR A 6 -31.21 -8.65 -25.92
C TYR A 6 -29.86 -8.25 -26.54
N GLU A 7 -29.58 -6.95 -26.61
CA GLU A 7 -28.28 -6.48 -27.10
C GLU A 7 -27.39 -5.92 -25.99
N LYS A 8 -27.67 -6.30 -24.75
CA LYS A 8 -26.77 -6.02 -23.65
C LYS A 8 -26.60 -7.28 -22.82
N TYR A 9 -25.51 -7.35 -22.06
CA TYR A 9 -25.37 -8.44 -21.10
C TYR A 9 -26.20 -8.11 -19.87
N ASN A 10 -27.01 -9.08 -19.44
CA ASN A 10 -27.95 -8.88 -18.33
C ASN A 10 -27.48 -9.64 -17.10
N ASN A 11 -27.66 -9.05 -15.92
CA ASN A 11 -27.28 -9.75 -14.69
C ASN A 11 -28.31 -10.84 -14.37
N TRP A 12 -27.98 -11.70 -13.41
CA TRP A 12 -28.84 -12.85 -13.16
C TRP A 12 -30.25 -12.46 -12.77
N GLU A 13 -30.38 -11.45 -11.93
CA GLU A 13 -31.71 -11.03 -11.47
C GLU A 13 -32.57 -10.70 -12.67
N THR A 14 -31.96 -10.03 -13.64
CA THR A 14 -32.65 -9.65 -14.87
C THR A 14 -32.94 -10.85 -15.76
N ILE A 15 -31.98 -11.75 -15.91
CA ILE A 15 -32.21 -12.96 -16.71
C ILE A 15 -33.32 -13.79 -16.08
N GLU A 16 -33.29 -13.94 -14.75
CA GLU A 16 -34.33 -14.68 -14.06
C GLU A 16 -35.71 -14.07 -14.31
N ALA A 17 -35.82 -12.76 -14.16
CA ALA A 17 -37.10 -12.09 -14.37
C ALA A 17 -37.54 -12.27 -15.82
N TRP A 18 -36.55 -12.29 -16.72
CA TRP A 18 -36.82 -12.51 -18.13
C TRP A 18 -37.39 -13.92 -18.39
N THR A 19 -36.86 -14.93 -17.71
CA THR A 19 -37.36 -16.28 -17.93
C THR A 19 -38.83 -16.37 -17.54
N LYS A 20 -39.22 -15.62 -16.51
CA LYS A 20 -40.60 -15.61 -16.08
C LYS A 20 -41.45 -14.84 -17.08
N GLN A 21 -40.96 -13.68 -17.51
CA GLN A 21 -41.72 -12.81 -18.39
C GLN A 21 -41.93 -13.42 -19.76
N VAL A 22 -40.86 -13.98 -20.35
CA VAL A 22 -40.96 -14.47 -21.72
C VAL A 22 -41.85 -15.70 -21.76
N THR A 23 -41.86 -16.46 -20.67
CA THR A 23 -42.74 -17.62 -20.54
C THR A 23 -44.18 -17.16 -20.38
N SER A 24 -44.41 -16.18 -19.50
CA SER A 24 -45.74 -15.66 -19.26
C SER A 24 -46.35 -15.10 -20.54
N GLU A 25 -45.51 -14.49 -21.38
CA GLU A 25 -45.97 -13.83 -22.60
C GLU A 25 -46.12 -14.79 -23.77
N ASN A 26 -45.59 -16.00 -23.63
CA ASN A 26 -45.63 -16.97 -24.72
C ASN A 26 -45.94 -18.39 -24.22
N PRO A 27 -47.04 -18.54 -23.48
CA PRO A 27 -47.37 -19.83 -22.84
C PRO A 27 -47.63 -20.94 -23.84
N ASP A 28 -47.90 -20.57 -25.09
CA ASP A 28 -48.18 -21.56 -26.12
C ASP A 28 -46.92 -21.99 -26.86
N LEU A 29 -45.77 -21.46 -26.42
CA LEU A 29 -44.49 -21.79 -27.05
C LEU A 29 -43.39 -22.09 -26.01
N ILE A 30 -43.61 -21.64 -24.77
CA ILE A 30 -42.60 -21.81 -23.72
C ILE A 30 -43.22 -22.28 -22.41
N SER A 31 -42.59 -23.28 -21.79
CA SER A 31 -42.85 -23.62 -20.39
C SER A 31 -41.54 -23.52 -19.62
N ARG A 32 -41.63 -23.05 -18.38
CA ARG A 32 -40.46 -22.90 -17.54
C ARG A 32 -40.49 -23.87 -16.37
N THR A 33 -39.38 -24.56 -16.14
CA THR A 33 -39.23 -25.40 -14.96
C THR A 33 -37.89 -25.11 -14.31
N ALA A 34 -37.73 -25.51 -13.06
CA ALA A 34 -36.43 -25.48 -12.40
C ALA A 34 -35.94 -26.91 -12.25
N ILE A 35 -34.69 -27.17 -12.63
CA ILE A 35 -34.17 -28.52 -12.57
C ILE A 35 -33.25 -28.75 -11.38
N GLY A 36 -33.16 -27.73 -10.52
CA GLY A 36 -32.33 -27.85 -9.33
C GLY A 36 -31.93 -26.47 -8.82
N THR A 37 -31.14 -26.48 -7.75
CA THR A 37 -30.59 -25.24 -7.20
C THR A 37 -29.07 -25.28 -7.31
N THR A 38 -28.46 -24.11 -7.41
CA THR A 38 -27.00 -24.01 -7.42
C THR A 38 -26.48 -24.10 -5.99
N PHE A 39 -25.16 -24.13 -5.85
CA PHE A 39 -24.55 -24.20 -4.52
C PHE A 39 -25.05 -23.06 -3.64
N LEU A 40 -25.23 -21.89 -4.23
CA LEU A 40 -25.62 -20.71 -3.47
C LEU A 40 -27.13 -20.45 -3.53
N GLY A 41 -27.88 -21.44 -4.01
CA GLY A 41 -29.32 -21.42 -3.85
C GLY A 41 -30.09 -20.67 -4.93
N ASN A 42 -29.46 -20.42 -6.06
CA ASN A 42 -30.17 -19.83 -7.20
C ASN A 42 -30.86 -20.92 -7.99
N ASN A 43 -31.92 -20.56 -8.71
CA ASN A 43 -32.76 -21.53 -9.39
C ASN A 43 -32.26 -21.81 -10.80
N ILE A 44 -32.02 -23.07 -11.10
CA ILE A 44 -31.52 -23.45 -12.42
C ILE A 44 -32.70 -23.65 -13.37
N TYR A 45 -33.03 -22.62 -14.12
CA TYR A 45 -34.21 -22.65 -14.97
C TYR A 45 -33.94 -23.38 -16.27
N LEU A 46 -34.98 -24.05 -16.77
CA LEU A 46 -34.95 -24.69 -18.06
C LEU A 46 -36.20 -24.26 -18.80
N LEU A 47 -36.02 -23.78 -20.02
CA LEU A 47 -37.16 -23.37 -20.84
C LEU A 47 -37.40 -24.44 -21.90
N LYS A 48 -38.62 -24.97 -21.94
CA LYS A 48 -39.00 -25.89 -23.01
C LYS A 48 -39.68 -25.08 -24.10
N VAL A 49 -38.98 -24.91 -25.22
CA VAL A 49 -39.44 -24.07 -26.30
C VAL A 49 -39.94 -24.95 -27.45
N GLY A 50 -41.19 -24.77 -27.82
CA GLY A 50 -41.79 -25.58 -28.86
C GLY A 50 -43.30 -25.56 -28.77
N LYS A 51 -43.97 -25.99 -29.83
CA LYS A 51 -45.42 -26.08 -29.82
C LYS A 51 -45.80 -27.37 -29.11
N PRO A 52 -46.48 -27.25 -27.96
CA PRO A 52 -46.72 -28.45 -27.15
C PRO A 52 -47.50 -29.56 -27.85
N GLY A 53 -47.12 -30.79 -27.52
CA GLY A 53 -47.73 -31.97 -28.12
C GLY A 53 -47.15 -33.20 -27.47
N PRO A 54 -47.77 -34.37 -27.67
CA PRO A 54 -47.36 -35.64 -27.07
C PRO A 54 -46.07 -36.23 -27.66
N ASN A 55 -45.27 -36.85 -26.80
CA ASN A 55 -43.98 -37.44 -27.17
C ASN A 55 -43.28 -36.81 -28.38
N LYS A 56 -42.83 -35.58 -28.21
CA LYS A 56 -41.99 -34.93 -29.21
C LYS A 56 -40.52 -35.22 -28.91
N PRO A 57 -39.70 -35.36 -29.95
CA PRO A 57 -38.24 -35.41 -29.78
C PRO A 57 -37.74 -34.02 -29.37
N ALA A 58 -36.49 -33.94 -28.96
CA ALA A 58 -35.98 -32.69 -28.41
C ALA A 58 -34.51 -32.47 -28.75
N ILE A 59 -34.11 -31.21 -28.75
CA ILE A 59 -32.70 -30.85 -28.79
C ILE A 59 -32.40 -30.08 -27.49
N PHE A 60 -31.32 -30.47 -26.82
CA PHE A 60 -30.94 -29.80 -25.58
C PHE A 60 -29.81 -28.82 -25.83
N MET A 61 -29.99 -27.58 -25.38
CA MET A 61 -28.96 -26.57 -25.49
C MET A 61 -28.76 -25.83 -24.18
N ASP A 62 -27.52 -25.75 -23.72
CA ASP A 62 -27.22 -24.92 -22.54
C ASP A 62 -26.23 -23.81 -22.83
N CYS A 63 -26.34 -22.75 -22.03
CA CYS A 63 -25.39 -21.65 -22.06
C CYS A 63 -24.87 -21.41 -20.64
N GLY A 64 -23.77 -20.66 -20.54
CA GLY A 64 -23.31 -20.23 -19.24
C GLY A 64 -22.67 -21.29 -18.35
N PHE A 65 -22.07 -22.31 -18.96
CA PHE A 65 -21.25 -23.25 -18.21
C PHE A 65 -20.17 -22.45 -17.49
N HIS A 66 -19.51 -21.58 -18.24
CA HIS A 66 -18.38 -20.82 -17.72
C HIS A 66 -18.75 -19.36 -17.53
N ALA A 67 -18.46 -18.85 -16.33
CA ALA A 67 -19.06 -17.61 -15.85
C ALA A 67 -18.71 -16.41 -16.72
N ARG A 68 -17.47 -16.34 -17.16
CA ARG A 68 -16.96 -15.16 -17.86
C ARG A 68 -17.32 -15.11 -19.34
N GLU A 69 -17.91 -16.19 -19.84
CA GLU A 69 -18.21 -16.28 -21.27
C GLU A 69 -19.58 -15.68 -21.56
N TRP A 70 -19.67 -14.36 -21.37
CA TRP A 70 -20.95 -13.66 -21.34
C TRP A 70 -21.76 -13.76 -22.63
N ILE A 71 -21.08 -13.90 -23.76
CA ILE A 71 -21.80 -13.99 -25.04
C ILE A 71 -22.58 -15.30 -25.12
N SER A 72 -22.15 -16.31 -24.38
CA SER A 72 -22.90 -17.56 -24.30
C SER A 72 -24.28 -17.32 -23.70
N HIS A 73 -24.33 -16.71 -22.53
CA HIS A 73 -25.60 -16.42 -21.86
C HIS A 73 -26.48 -15.60 -22.79
N ALA A 74 -25.88 -14.63 -23.47
CA ALA A 74 -26.63 -13.74 -24.34
C ALA A 74 -27.27 -14.52 -25.48
N PHE A 75 -26.57 -15.54 -25.97
CA PHE A 75 -27.09 -16.29 -27.10
C PHE A 75 -28.35 -17.08 -26.77
N CYS A 76 -28.38 -17.76 -25.62
CA CYS A 76 -29.57 -18.52 -25.26
C CYS A 76 -30.80 -17.60 -25.20
N GLN A 77 -30.62 -16.41 -24.66
CA GLN A 77 -31.72 -15.45 -24.61
C GLN A 77 -32.14 -15.03 -26.02
N TRP A 78 -31.16 -14.72 -26.86
CA TRP A 78 -31.43 -14.34 -28.24
C TRP A 78 -32.20 -15.43 -28.97
N PHE A 79 -31.78 -16.68 -28.76
CA PHE A 79 -32.41 -17.82 -29.43
C PHE A 79 -33.88 -17.92 -29.09
N VAL A 80 -34.21 -17.74 -27.81
CA VAL A 80 -35.58 -17.87 -27.37
C VAL A 80 -36.46 -16.79 -27.99
N ARG A 81 -35.96 -15.56 -28.06
CA ARG A 81 -36.74 -14.52 -28.73
C ARG A 81 -36.97 -14.85 -30.20
N GLU A 82 -35.93 -15.31 -30.88
CA GLU A 82 -36.06 -15.62 -32.30
C GLU A 82 -37.13 -16.69 -32.51
N ALA A 83 -37.11 -17.70 -31.65
CA ALA A 83 -38.10 -18.76 -31.72
C ALA A 83 -39.53 -18.22 -31.63
N VAL A 84 -39.80 -17.45 -30.58
CA VAL A 84 -41.16 -16.98 -30.34
C VAL A 84 -41.61 -15.93 -31.35
N LEU A 85 -40.69 -15.11 -31.82
CA LEU A 85 -41.06 -14.04 -32.75
C LEU A 85 -41.33 -14.56 -34.15
N THR A 86 -40.57 -15.57 -34.58
CA THR A 86 -40.68 -16.02 -35.96
C THR A 86 -41.57 -17.26 -36.14
N TYR A 87 -41.99 -17.87 -35.05
CA TYR A 87 -42.88 -19.02 -35.18
C TYR A 87 -44.15 -18.62 -35.91
N GLY A 88 -44.52 -19.40 -36.92
CA GLY A 88 -45.69 -19.10 -37.72
C GLY A 88 -45.39 -18.26 -38.94
N TYR A 89 -44.23 -17.61 -38.96
CA TYR A 89 -43.88 -16.71 -40.04
C TYR A 89 -42.71 -17.20 -40.88
N GLU A 90 -41.70 -17.76 -40.23
CA GLU A 90 -40.56 -18.33 -40.94
C GLU A 90 -40.73 -19.85 -41.00
N SER A 91 -40.70 -20.42 -42.20
CA SER A 91 -41.12 -21.80 -42.38
C SER A 91 -40.29 -22.80 -41.58
N HIS A 92 -38.98 -22.60 -41.53
CA HIS A 92 -38.11 -23.54 -40.84
C HIS A 92 -38.37 -23.57 -39.34
N MET A 93 -38.36 -22.41 -38.70
CA MET A 93 -38.57 -22.37 -37.25
C MET A 93 -39.96 -22.88 -36.89
N THR A 94 -40.93 -22.60 -37.75
CA THR A 94 -42.29 -23.08 -37.52
C THR A 94 -42.30 -24.61 -37.53
N GLU A 95 -41.66 -25.18 -38.54
CA GLU A 95 -41.51 -26.63 -38.63
C GLU A 95 -40.74 -27.18 -37.42
N PHE A 96 -39.66 -26.51 -37.05
CA PHE A 96 -38.85 -26.95 -35.90
C PHE A 96 -39.69 -27.06 -34.64
N LEU A 97 -40.41 -25.99 -34.31
CA LEU A 97 -41.15 -25.94 -33.05
C LEU A 97 -42.38 -26.84 -33.08
N ASN A 98 -42.91 -27.11 -34.26
CA ASN A 98 -44.03 -28.03 -34.40
C ASN A 98 -43.58 -29.47 -34.15
N LYS A 99 -42.40 -29.81 -34.64
CA LYS A 99 -41.95 -31.20 -34.63
C LYS A 99 -41.14 -31.59 -33.40
N LEU A 100 -40.42 -30.63 -32.83
CA LEU A 100 -39.59 -30.94 -31.68
C LEU A 100 -39.62 -29.84 -30.63
N ASP A 101 -39.03 -30.14 -29.48
CA ASP A 101 -38.82 -29.13 -28.44
C ASP A 101 -37.35 -28.79 -28.36
N PHE A 102 -37.06 -27.53 -28.08
CA PHE A 102 -35.73 -27.15 -27.62
C PHE A 102 -35.78 -27.06 -26.11
N TYR A 103 -34.93 -27.80 -25.43
CA TYR A 103 -34.73 -27.61 -24.00
C TYR A 103 -33.59 -26.61 -23.86
N VAL A 104 -33.92 -25.38 -23.50
CA VAL A 104 -32.91 -24.32 -23.41
C VAL A 104 -32.63 -24.00 -21.95
N LEU A 105 -31.38 -24.22 -21.54
CA LEU A 105 -30.96 -23.91 -20.18
C LEU A 105 -30.11 -22.65 -20.24
N PRO A 106 -30.70 -21.49 -19.93
CA PRO A 106 -30.06 -20.21 -20.26
C PRO A 106 -28.77 -19.91 -19.51
N VAL A 107 -28.70 -20.32 -18.24
CA VAL A 107 -27.47 -20.18 -17.46
C VAL A 107 -27.31 -21.37 -16.52
N LEU A 108 -26.27 -22.17 -16.74
CA LEU A 108 -26.01 -23.30 -15.85
C LEU A 108 -25.29 -22.84 -14.59
N ASN A 109 -24.17 -22.15 -14.78
CA ASN A 109 -23.32 -21.74 -13.66
C ASN A 109 -23.71 -20.34 -13.19
N ILE A 110 -24.86 -20.25 -12.52
CA ILE A 110 -25.42 -18.97 -12.12
C ILE A 110 -24.56 -18.31 -11.06
N ASP A 111 -24.04 -19.10 -10.13
CA ASP A 111 -23.27 -18.55 -9.01
C ASP A 111 -22.01 -17.86 -9.53
N GLY A 112 -21.34 -18.52 -10.47
CA GLY A 112 -20.16 -17.92 -11.07
C GLY A 112 -20.50 -16.68 -11.86
N TYR A 113 -21.63 -16.73 -12.57
CA TYR A 113 -22.02 -15.60 -13.40
C TYR A 113 -22.28 -14.37 -12.54
N ILE A 114 -22.99 -14.56 -11.44
CA ILE A 114 -23.20 -13.48 -10.49
C ILE A 114 -21.86 -12.93 -10.01
N TYR A 115 -20.91 -13.82 -9.77
CA TYR A 115 -19.59 -13.40 -9.28
C TYR A 115 -18.86 -12.54 -10.32
N THR A 116 -19.09 -12.79 -11.61
CA THR A 116 -18.43 -11.99 -12.64
C THR A 116 -19.03 -10.59 -12.71
N TRP A 117 -20.23 -10.44 -12.17
CA TRP A 117 -20.90 -9.14 -12.13
C TRP A 117 -20.54 -8.35 -10.88
N THR A 118 -20.29 -9.04 -9.78
CA THR A 118 -20.11 -8.40 -8.48
C THR A 118 -18.66 -8.23 -8.07
N LYS A 119 -17.79 -9.15 -8.50
CA LYS A 119 -16.43 -9.21 -7.95
C LYS A 119 -15.31 -9.40 -8.97
N ASN A 120 -15.45 -10.38 -9.85
CA ASN A 120 -14.35 -10.73 -10.74
C ASN A 120 -14.85 -11.14 -12.12
N ARG A 121 -14.66 -10.25 -13.08
CA ARG A 121 -15.17 -10.43 -14.44
C ARG A 121 -14.61 -11.66 -15.13
N MET A 122 -13.45 -12.14 -14.66
CA MET A 122 -12.77 -13.25 -15.32
C MET A 122 -12.94 -14.58 -14.61
N TRP A 123 -13.86 -14.65 -13.65
CA TRP A 123 -14.15 -15.91 -12.96
C TRP A 123 -14.69 -16.95 -13.96
N ARG A 124 -14.32 -18.21 -13.74
CA ARG A 124 -14.64 -19.28 -14.67
C ARG A 124 -15.50 -20.35 -14.03
N LYS A 125 -15.10 -20.74 -12.82
CA LYS A 125 -15.62 -21.93 -12.15
C LYS A 125 -16.94 -21.68 -11.45
N THR A 126 -17.45 -22.71 -10.78
CA THR A 126 -18.57 -22.54 -9.88
C THR A 126 -18.08 -21.78 -8.65
N ARG A 127 -18.94 -21.67 -7.64
CA ARG A 127 -18.56 -20.95 -6.43
C ARG A 127 -18.71 -21.79 -5.16
N SER A 128 -18.60 -23.11 -5.31
CA SER A 128 -18.75 -24.01 -4.17
C SER A 128 -17.47 -24.02 -3.32
N THR A 129 -17.62 -24.30 -2.04
CA THR A 129 -16.46 -24.40 -1.17
C THR A 129 -15.78 -25.74 -1.34
N ASN A 130 -14.52 -25.80 -0.90
CA ASN A 130 -13.74 -27.02 -0.99
C ASN A 130 -13.11 -27.33 0.37
N ALA A 131 -13.24 -28.58 0.81
CA ALA A 131 -12.73 -28.97 2.10
C ALA A 131 -11.22 -28.76 2.16
N GLY A 132 -10.75 -28.23 3.28
CA GLY A 132 -9.30 -28.18 3.52
C GLY A 132 -8.59 -27.01 2.88
N THR A 133 -9.34 -26.11 2.24
CA THR A 133 -8.71 -24.97 1.58
C THR A 133 -9.68 -23.79 1.51
N THR A 134 -9.14 -22.59 1.30
CA THR A 134 -9.96 -21.40 1.07
C THR A 134 -10.34 -21.25 -0.39
N CYS A 135 -9.70 -22.03 -1.26
CA CYS A 135 -9.96 -21.92 -2.68
C CYS A 135 -11.36 -22.33 -3.05
N ILE A 136 -11.97 -21.57 -3.96
CA ILE A 136 -13.37 -21.72 -4.30
C ILE A 136 -13.55 -22.30 -5.70
N GLY A 137 -14.46 -23.25 -5.83
CA GLY A 137 -15.02 -23.54 -7.14
C GLY A 137 -14.44 -24.72 -7.91
N THR A 138 -15.29 -25.31 -8.74
CA THR A 138 -14.93 -26.42 -9.60
C THR A 138 -15.22 -26.02 -11.04
N ASP A 139 -14.41 -26.49 -11.98
CA ASP A 139 -14.68 -26.27 -13.39
C ASP A 139 -15.81 -27.22 -13.80
N PRO A 140 -17.00 -26.68 -14.10
CA PRO A 140 -18.13 -27.55 -14.42
C PRO A 140 -17.89 -28.42 -15.65
N ASN A 141 -17.09 -27.94 -16.60
CA ASN A 141 -16.82 -28.74 -17.80
C ASN A 141 -15.61 -29.64 -17.61
N ARG A 142 -15.24 -29.88 -16.36
CA ARG A 142 -14.30 -30.94 -16.03
C ARG A 142 -14.95 -31.91 -15.04
N ASN A 143 -16.24 -31.72 -14.79
CA ASN A 143 -16.91 -32.37 -13.68
C ASN A 143 -17.86 -33.48 -14.10
N PHE A 144 -17.85 -33.84 -15.38
CA PHE A 144 -18.73 -34.88 -15.88
C PHE A 144 -18.03 -36.24 -15.98
N ASP A 145 -18.84 -37.29 -15.96
CA ASP A 145 -18.32 -38.66 -15.97
C ASP A 145 -17.88 -39.06 -17.38
N ALA A 146 -16.88 -38.36 -17.90
CA ALA A 146 -16.30 -38.68 -19.20
C ALA A 146 -14.78 -38.74 -19.11
N GLY A 147 -14.26 -39.93 -18.84
CA GLY A 147 -12.84 -40.07 -18.55
C GLY A 147 -12.43 -39.14 -17.42
N TRP A 148 -13.29 -39.04 -16.42
CA TRP A 148 -13.22 -37.96 -15.43
C TRP A 148 -11.85 -37.71 -14.83
N CYS A 149 -11.38 -36.48 -14.99
CA CYS A 149 -10.14 -35.98 -14.39
C CYS A 149 -8.86 -36.67 -14.86
N THR A 150 -8.93 -37.41 -15.96
CA THR A 150 -7.76 -38.18 -16.40
C THR A 150 -6.80 -37.36 -17.26
N THR A 151 -7.26 -36.25 -17.80
CA THR A 151 -6.40 -35.38 -18.60
C THR A 151 -6.97 -33.98 -18.76
N GLY A 152 -6.09 -32.99 -18.96
CA GLY A 152 -6.54 -31.64 -19.21
C GLY A 152 -7.33 -31.06 -18.06
N ALA A 153 -7.12 -31.61 -16.87
CA ALA A 153 -7.82 -31.16 -15.67
C ALA A 153 -6.86 -31.13 -14.48
N SER A 154 -7.22 -30.39 -13.45
CA SER A 154 -6.43 -30.35 -12.23
C SER A 154 -7.17 -31.00 -11.08
N THR A 155 -6.43 -31.66 -10.18
CA THR A 155 -7.02 -32.18 -8.96
C THR A 155 -6.91 -31.20 -7.80
N ASP A 156 -6.45 -29.98 -8.11
CA ASP A 156 -6.25 -28.95 -7.09
C ASP A 156 -7.38 -27.93 -7.14
N PRO A 157 -8.14 -27.79 -6.04
CA PRO A 157 -9.26 -26.84 -5.99
C PRO A 157 -8.89 -25.39 -6.25
N CYS A 158 -7.60 -25.07 -6.14
CA CYS A 158 -7.14 -23.71 -6.39
C CYS A 158 -6.93 -23.40 -7.86
N ASP A 159 -7.07 -24.42 -8.71
CA ASP A 159 -6.80 -24.26 -10.14
C ASP A 159 -8.08 -24.06 -10.95
N GLU A 160 -7.94 -23.42 -12.10
CA GLU A 160 -9.08 -23.05 -12.94
C GLU A 160 -9.75 -24.23 -13.61
N THR A 161 -9.04 -25.35 -13.74
CA THR A 161 -9.63 -26.54 -14.33
C THR A 161 -9.85 -27.65 -13.31
N TYR A 162 -10.05 -27.28 -12.05
CA TYR A 162 -10.30 -28.25 -11.00
C TYR A 162 -11.47 -29.16 -11.38
N CYS A 163 -11.24 -30.47 -11.33
CA CYS A 163 -12.23 -31.41 -11.84
C CYS A 163 -13.26 -31.76 -10.77
N GLY A 164 -13.06 -31.27 -9.56
CA GLY A 164 -13.98 -31.56 -8.47
C GLY A 164 -13.54 -32.75 -7.62
N SER A 165 -14.27 -33.01 -6.55
CA SER A 165 -13.97 -34.12 -5.66
C SER A 165 -14.40 -35.44 -6.27
N ALA A 166 -15.32 -35.37 -7.24
CA ALA A 166 -15.81 -36.54 -7.94
C ALA A 166 -16.68 -36.06 -9.09
N ALA A 167 -16.92 -36.91 -10.06
CA ALA A 167 -17.82 -36.57 -11.16
C ALA A 167 -19.17 -36.17 -10.58
N GLU A 168 -19.73 -35.08 -11.10
CA GLU A 168 -21.03 -34.57 -10.68
C GLU A 168 -21.07 -34.19 -9.21
N SER A 169 -19.92 -33.84 -8.66
CA SER A 169 -19.84 -33.35 -7.29
C SER A 169 -20.55 -32.01 -7.14
N GLU A 170 -20.66 -31.27 -8.23
CA GLU A 170 -21.33 -29.98 -8.21
C GLU A 170 -22.84 -30.15 -8.39
N LYS A 171 -23.61 -29.38 -7.63
CA LYS A 171 -25.06 -29.42 -7.74
C LYS A 171 -25.54 -29.12 -9.15
N GLU A 172 -24.86 -28.20 -9.82
CA GLU A 172 -25.27 -27.75 -11.15
C GLU A 172 -25.07 -28.83 -12.21
N THR A 173 -23.93 -29.50 -12.18
CA THR A 173 -23.65 -30.53 -13.16
C THR A 173 -24.46 -31.79 -12.87
N LYS A 174 -24.67 -32.09 -11.59
CA LYS A 174 -25.57 -33.17 -11.22
C LYS A 174 -26.97 -32.91 -11.75
N ALA A 175 -27.44 -31.68 -11.59
CA ALA A 175 -28.79 -31.32 -12.04
C ALA A 175 -28.93 -31.50 -13.55
N LEU A 176 -27.93 -31.05 -14.30
CA LEU A 176 -27.97 -31.14 -15.75
C LEU A 176 -27.91 -32.60 -16.19
N ALA A 177 -27.01 -33.37 -15.60
CA ALA A 177 -26.86 -34.78 -15.96
C ALA A 177 -28.12 -35.56 -15.61
N ASP A 178 -28.70 -35.26 -14.45
CA ASP A 178 -29.93 -35.93 -14.02
C ASP A 178 -31.04 -35.68 -15.02
N PHE A 179 -31.15 -34.43 -15.49
CA PHE A 179 -32.22 -34.07 -16.41
C PHE A 179 -32.06 -34.79 -17.74
N ILE A 180 -30.83 -34.81 -18.25
CA ILE A 180 -30.58 -35.44 -19.53
C ILE A 180 -30.77 -36.96 -19.43
N ARG A 181 -30.30 -37.56 -18.35
CA ARG A 181 -30.51 -38.99 -18.13
C ARG A 181 -31.99 -39.35 -18.06
N ASN A 182 -32.79 -38.45 -17.49
CA ASN A 182 -34.23 -38.70 -17.34
C ASN A 182 -34.98 -38.50 -18.65
N ASN A 183 -34.32 -37.91 -19.64
CA ASN A 183 -34.98 -37.58 -20.91
C ASN A 183 -34.22 -38.09 -22.13
N LEU A 184 -33.42 -39.15 -21.94
CA LEU A 184 -32.61 -39.69 -23.02
C LEU A 184 -33.41 -40.16 -24.23
N SER A 185 -34.61 -40.66 -23.99
CA SER A 185 -35.42 -41.21 -25.07
C SER A 185 -35.85 -40.12 -26.05
N SER A 186 -35.87 -38.88 -25.58
CA SER A 186 -36.35 -37.78 -26.42
C SER A 186 -35.24 -36.89 -26.96
N ILE A 187 -34.14 -36.78 -26.22
CA ILE A 187 -33.06 -35.87 -26.61
C ILE A 187 -32.21 -36.44 -27.73
N LYS A 188 -32.20 -35.75 -28.88
CA LYS A 188 -31.54 -36.25 -30.07
C LYS A 188 -30.23 -35.51 -30.35
N ALA A 189 -30.07 -34.34 -29.77
CA ALA A 189 -28.83 -33.59 -29.92
C ALA A 189 -28.54 -32.79 -28.65
N TYR A 190 -27.26 -32.62 -28.37
CA TYR A 190 -26.82 -31.82 -27.23
C TYR A 190 -25.89 -30.72 -27.73
N LEU A 191 -26.23 -29.48 -27.42
CA LEU A 191 -25.45 -28.33 -27.87
C LEU A 191 -25.07 -27.49 -26.65
N THR A 192 -23.78 -27.26 -26.46
CA THR A 192 -23.33 -26.50 -25.30
C THR A 192 -22.53 -25.27 -25.75
N ILE A 193 -22.95 -24.10 -25.32
CA ILE A 193 -22.44 -22.85 -25.87
C ILE A 193 -21.37 -22.22 -24.96
N HIS A 194 -20.21 -21.96 -25.55
CA HIS A 194 -19.08 -21.38 -24.84
C HIS A 194 -18.52 -20.23 -25.67
N SER A 195 -17.54 -19.52 -25.12
CA SER A 195 -16.68 -18.65 -25.92
C SER A 195 -15.30 -18.68 -25.27
N TYR A 196 -14.25 -18.24 -25.96
CA TYR A 196 -14.29 -17.81 -27.36
C TYR A 196 -13.36 -18.72 -28.17
N SER A 197 -13.38 -18.55 -29.50
CA SER A 197 -12.42 -19.17 -30.41
C SER A 197 -12.97 -19.36 -31.82
N GLN A 198 -14.28 -19.23 -31.96
CA GLN A 198 -14.95 -19.45 -33.24
C GLN A 198 -14.67 -20.86 -33.77
N MET A 199 -15.22 -21.83 -33.06
CA MET A 199 -15.08 -23.23 -33.42
C MET A 199 -16.39 -23.99 -33.17
N ILE A 200 -16.58 -25.07 -33.91
CA ILE A 200 -17.54 -26.10 -33.51
C ILE A 200 -16.77 -27.38 -33.25
N LEU A 201 -16.83 -27.86 -32.01
CA LEU A 201 -16.15 -29.09 -31.64
C LEU A 201 -17.15 -30.23 -31.42
N TYR A 202 -16.74 -31.44 -31.79
CA TYR A 202 -17.48 -32.65 -31.41
C TYR A 202 -16.51 -33.62 -30.72
N PRO A 203 -17.03 -34.70 -30.13
CA PRO A 203 -16.18 -35.65 -29.40
C PRO A 203 -15.09 -36.27 -30.28
N TYR A 204 -14.00 -36.72 -29.66
CA TYR A 204 -13.83 -36.69 -28.21
C TYR A 204 -12.76 -35.70 -27.78
N SER A 205 -12.86 -35.25 -26.54
CA SER A 205 -11.80 -34.43 -25.95
C SER A 205 -11.03 -35.19 -24.87
N TYR A 206 -11.68 -36.15 -24.21
CA TYR A 206 -11.02 -36.84 -23.11
C TYR A 206 -10.07 -37.93 -23.60
N ASP A 207 -10.13 -38.22 -24.90
CA ASP A 207 -9.21 -39.18 -25.51
C ASP A 207 -9.09 -38.87 -27.00
N TYR A 208 -8.04 -39.38 -27.63
CA TYR A 208 -7.82 -39.12 -29.05
C TYR A 208 -8.68 -40.01 -29.95
N LYS A 209 -9.36 -40.97 -29.34
CA LYS A 209 -10.26 -41.83 -30.09
C LYS A 209 -11.35 -41.00 -30.76
N LEU A 210 -11.91 -41.53 -31.84
CA LEU A 210 -12.95 -40.83 -32.58
C LEU A 210 -14.29 -41.49 -32.40
N PRO A 211 -15.37 -40.69 -32.39
CA PRO A 211 -16.73 -41.23 -32.33
C PRO A 211 -17.04 -42.02 -33.59
N GLU A 212 -17.85 -43.07 -33.46
CA GLU A 212 -18.14 -43.95 -34.58
C GLU A 212 -18.73 -43.18 -35.76
N ASN A 213 -19.53 -42.16 -35.48
CA ASN A 213 -20.13 -41.35 -36.54
C ASN A 213 -19.30 -40.10 -36.83
N ASN A 214 -17.98 -40.23 -36.69
CA ASN A 214 -17.05 -39.12 -36.87
C ASN A 214 -17.18 -38.44 -38.23
N ALA A 215 -17.36 -39.23 -39.28
CA ALA A 215 -17.45 -38.67 -40.63
C ALA A 215 -18.70 -37.81 -40.75
N GLU A 216 -19.81 -38.30 -40.19
CA GLU A 216 -21.06 -37.57 -40.22
C GLU A 216 -20.93 -36.26 -39.45
N LEU A 217 -20.30 -36.31 -38.28
CA LEU A 217 -20.18 -35.11 -37.46
C LEU A 217 -19.28 -34.07 -38.11
N ASN A 218 -18.22 -34.53 -38.77
CA ASN A 218 -17.34 -33.61 -39.47
C ASN A 218 -18.10 -32.94 -40.62
N ASN A 219 -18.91 -33.72 -41.33
CA ASN A 219 -19.69 -33.17 -42.44
C ASN A 219 -20.73 -32.18 -41.93
N LEU A 220 -21.32 -32.48 -40.79
CA LEU A 220 -22.35 -31.63 -40.21
C LEU A 220 -21.74 -30.31 -39.74
N ALA A 221 -20.61 -30.41 -39.04
CA ALA A 221 -19.94 -29.20 -38.53
C ALA A 221 -19.44 -28.36 -39.69
N LYS A 222 -18.93 -29.02 -40.73
CA LYS A 222 -18.44 -28.33 -41.92
C LYS A 222 -19.55 -27.51 -42.57
N ALA A 223 -20.75 -28.09 -42.65
CA ALA A 223 -21.88 -27.41 -43.27
C ALA A 223 -22.37 -26.27 -42.37
N ALA A 224 -22.35 -26.51 -41.06
CA ALA A 224 -22.82 -25.52 -40.11
C ALA A 224 -21.93 -24.28 -40.11
N VAL A 225 -20.61 -24.46 -40.22
CA VAL A 225 -19.70 -23.32 -40.24
C VAL A 225 -19.81 -22.56 -41.56
N LYS A 226 -20.07 -23.28 -42.65
CA LYS A 226 -20.29 -22.64 -43.94
C LYS A 226 -21.52 -21.74 -43.88
N GLU A 227 -22.60 -22.27 -43.30
CA GLU A 227 -23.84 -21.52 -43.16
C GLU A 227 -23.62 -20.28 -42.29
N LEU A 228 -22.89 -20.46 -41.20
CA LEU A 228 -22.65 -19.35 -40.28
C LEU A 228 -21.90 -18.20 -40.99
N ALA A 229 -20.95 -18.56 -41.84
CA ALA A 229 -20.12 -17.57 -42.53
C ALA A 229 -20.89 -16.75 -43.56
N THR A 230 -22.03 -17.25 -44.02
CA THR A 230 -22.75 -16.60 -45.09
C THR A 230 -23.25 -15.21 -44.69
N LEU A 231 -23.41 -14.98 -43.40
CA LEU A 231 -24.09 -13.77 -42.94
C LEU A 231 -23.14 -12.58 -42.86
N TYR A 232 -22.00 -12.76 -42.19
CA TYR A 232 -21.06 -11.66 -41.96
C TYR A 232 -19.63 -12.05 -42.29
N GLY A 233 -19.43 -13.27 -42.78
CA GLY A 233 -18.11 -13.70 -43.18
C GLY A 233 -17.25 -14.25 -42.05
N THR A 234 -17.86 -14.45 -40.89
CA THR A 234 -17.13 -14.93 -39.73
C THR A 234 -16.62 -16.36 -39.96
N LYS A 235 -15.33 -16.56 -39.71
CA LYS A 235 -14.70 -17.84 -40.01
C LYS A 235 -14.57 -18.73 -38.78
N TYR A 236 -15.19 -19.89 -38.84
CA TYR A 236 -15.07 -20.90 -37.79
C TYR A 236 -14.20 -22.05 -38.31
N THR A 237 -13.48 -22.69 -37.41
CA THR A 237 -12.90 -24.01 -37.69
C THR A 237 -13.64 -25.06 -36.89
N TYR A 238 -13.37 -26.33 -37.16
CA TYR A 238 -14.15 -27.40 -36.55
C TYR A 238 -13.37 -28.72 -36.55
N GLY A 239 -13.81 -29.63 -35.69
CA GLY A 239 -13.18 -30.93 -35.60
C GLY A 239 -13.35 -31.56 -34.23
N PRO A 240 -12.76 -32.75 -33.99
CA PRO A 240 -12.81 -33.39 -32.67
C PRO A 240 -12.08 -32.54 -31.65
N GLY A 241 -12.62 -32.49 -30.44
CA GLY A 241 -12.07 -31.58 -29.43
C GLY A 241 -10.58 -31.75 -29.20
N ALA A 242 -10.14 -32.99 -29.05
CA ALA A 242 -8.78 -33.27 -28.59
C ALA A 242 -7.73 -32.65 -29.51
N THR A 243 -7.92 -32.79 -30.82
CA THR A 243 -6.92 -32.32 -31.77
C THR A 243 -7.20 -30.93 -32.29
N THR A 244 -8.44 -30.46 -32.13
CA THR A 244 -8.83 -29.17 -32.69
C THR A 244 -8.57 -28.02 -31.72
N ILE A 245 -8.69 -28.29 -30.43
CA ILE A 245 -8.38 -27.26 -29.44
C ILE A 245 -7.41 -27.76 -28.36
N TYR A 246 -7.80 -28.82 -27.65
CA TYR A 246 -6.89 -29.49 -26.71
C TYR A 246 -7.58 -30.68 -26.04
N PRO A 247 -6.80 -31.66 -25.60
CA PRO A 247 -7.34 -32.76 -24.80
C PRO A 247 -7.82 -32.24 -23.45
N ALA A 248 -8.97 -32.73 -23.00
CA ALA A 248 -9.52 -32.33 -21.71
C ALA A 248 -10.64 -33.28 -21.32
N ALA A 249 -10.56 -33.81 -20.10
CA ALA A 249 -11.52 -34.81 -19.65
C ALA A 249 -12.68 -34.18 -18.91
N GLY A 250 -13.78 -34.92 -18.80
CA GLY A 250 -14.87 -34.52 -17.93
C GLY A 250 -15.82 -33.50 -18.53
N GLY A 251 -15.81 -33.38 -19.86
CA GLY A 251 -16.67 -32.41 -20.52
C GLY A 251 -18.07 -32.94 -20.80
N SER A 252 -19.05 -32.05 -20.84
CA SER A 252 -20.44 -32.46 -21.00
C SER A 252 -20.74 -32.95 -22.41
N ASP A 253 -20.04 -32.40 -23.41
CA ASP A 253 -20.26 -32.86 -24.76
C ASP A 253 -19.86 -34.33 -24.93
N ASP A 254 -18.71 -34.72 -24.39
CA ASP A 254 -18.29 -36.12 -24.44
C ASP A 254 -19.21 -37.03 -23.63
N TRP A 255 -19.63 -36.55 -22.46
CA TRP A 255 -20.51 -37.33 -21.61
C TRP A 255 -21.84 -37.57 -22.31
N ALA A 256 -22.42 -36.50 -22.84
CA ALA A 256 -23.70 -36.60 -23.51
C ALA A 256 -23.63 -37.58 -24.68
N TYR A 257 -22.54 -37.51 -25.45
CA TYR A 257 -22.35 -38.42 -26.56
C TYR A 257 -22.33 -39.87 -26.09
N ASP A 258 -21.62 -40.13 -24.99
CA ASP A 258 -21.48 -41.49 -24.49
C ASP A 258 -22.78 -41.99 -23.83
N GLN A 259 -23.73 -41.09 -23.63
CA GLN A 259 -25.06 -41.47 -23.17
C GLN A 259 -25.90 -41.95 -24.34
N GLY A 260 -25.42 -41.71 -25.56
CA GLY A 260 -26.14 -42.15 -26.74
C GLY A 260 -26.71 -41.02 -27.58
N ILE A 261 -26.43 -39.78 -27.18
CA ILE A 261 -26.84 -38.62 -27.96
C ILE A 261 -25.82 -38.39 -29.08
N LYS A 262 -26.20 -38.77 -30.30
CA LYS A 262 -25.25 -38.93 -31.40
C LYS A 262 -24.75 -37.61 -31.97
N TYR A 263 -25.51 -36.55 -31.75
CA TYR A 263 -25.12 -35.22 -32.21
C TYR A 263 -24.80 -34.35 -31.00
N SER A 264 -23.52 -34.21 -30.72
CA SER A 264 -23.07 -33.47 -29.54
C SER A 264 -21.99 -32.49 -29.95
N PHE A 265 -22.23 -31.21 -29.70
CA PHE A 265 -21.33 -30.16 -30.16
C PHE A 265 -21.06 -29.14 -29.07
N THR A 266 -19.81 -28.75 -28.94
CA THR A 266 -19.46 -27.55 -28.20
C THR A 266 -19.24 -26.41 -29.19
N PHE A 267 -19.98 -25.33 -29.00
CA PHE A 267 -19.78 -24.12 -29.80
C PHE A 267 -18.88 -23.15 -29.05
N GLU A 268 -17.90 -22.60 -29.76
CA GLU A 268 -17.08 -21.51 -29.23
C GLU A 268 -17.35 -20.29 -30.09
N LEU A 269 -18.02 -19.30 -29.52
CA LEU A 269 -18.46 -18.14 -30.29
C LEU A 269 -17.32 -17.12 -30.46
N ARG A 270 -17.64 -15.94 -30.95
CA ARG A 270 -16.64 -14.88 -31.17
C ARG A 270 -15.95 -14.51 -29.85
N ASP A 271 -14.74 -13.94 -29.92
CA ASP A 271 -13.99 -13.81 -31.16
C ASP A 271 -12.79 -14.74 -31.17
N LYS A 272 -11.66 -14.24 -31.65
CA LYS A 272 -10.43 -15.04 -31.74
C LYS A 272 -9.36 -14.54 -30.78
N GLY A 273 -9.71 -13.57 -29.94
CA GLY A 273 -8.78 -13.13 -28.90
C GLY A 273 -8.55 -11.63 -28.84
N ARG A 274 -9.06 -10.90 -29.82
CA ARG A 274 -8.96 -9.44 -29.79
C ARG A 274 -9.59 -8.92 -28.51
N TYR A 275 -10.82 -9.34 -28.24
CA TYR A 275 -11.50 -8.98 -27.00
C TYR A 275 -11.63 -10.19 -26.08
N GLY A 276 -11.55 -11.39 -26.66
CA GLY A 276 -11.61 -12.59 -25.85
C GLY A 276 -12.95 -12.77 -25.16
N PHE A 277 -12.92 -12.96 -23.85
CA PHE A 277 -14.14 -13.16 -23.08
C PHE A 277 -14.92 -11.85 -22.92
N ILE A 278 -14.22 -10.74 -23.10
CA ILE A 278 -14.83 -9.44 -22.89
C ILE A 278 -15.33 -8.90 -24.22
N LEU A 279 -16.16 -9.69 -24.89
CA LEU A 279 -16.72 -9.30 -26.18
C LEU A 279 -17.66 -8.11 -26.01
N PRO A 280 -17.46 -7.06 -26.80
CA PRO A 280 -18.27 -5.84 -26.68
C PRO A 280 -19.75 -6.12 -26.93
N GLU A 281 -20.61 -5.44 -26.19
CA GLU A 281 -22.05 -5.57 -26.41
C GLU A 281 -22.42 -5.25 -27.85
N SER A 282 -21.59 -4.45 -28.52
CA SER A 282 -21.85 -4.05 -29.89
C SER A 282 -21.76 -5.22 -30.86
N GLN A 283 -21.19 -6.33 -30.42
CA GLN A 283 -21.10 -7.52 -31.27
C GLN A 283 -22.10 -8.61 -30.90
N ILE A 284 -22.92 -8.36 -29.89
CA ILE A 284 -23.90 -9.36 -29.46
C ILE A 284 -24.84 -9.75 -30.59
N GLN A 285 -25.46 -8.76 -31.24
CA GLN A 285 -26.47 -9.07 -32.24
C GLN A 285 -25.91 -9.82 -33.44
N ALA A 286 -24.77 -9.39 -33.96
CA ALA A 286 -24.20 -10.06 -35.13
C ALA A 286 -23.73 -11.47 -34.76
N THR A 287 -23.10 -11.60 -33.60
CA THR A 287 -22.65 -12.91 -33.12
C THR A 287 -23.83 -13.87 -32.98
N CYS A 288 -24.91 -13.38 -32.36
CA CYS A 288 -26.06 -14.24 -32.14
C CYS A 288 -26.76 -14.58 -33.46
N GLU A 289 -26.81 -13.62 -34.38
CA GLU A 289 -27.50 -13.84 -35.64
C GLU A 289 -26.82 -14.94 -36.46
N GLU A 290 -25.49 -14.89 -36.56
CA GLU A 290 -24.77 -15.88 -37.35
C GLU A 290 -24.80 -17.24 -36.66
N THR A 291 -24.71 -17.23 -35.34
CA THR A 291 -24.80 -18.46 -34.57
C THR A 291 -26.17 -19.12 -34.76
N MET A 292 -27.23 -18.31 -34.81
CA MET A 292 -28.57 -18.84 -35.07
C MET A 292 -28.59 -19.68 -36.34
N LEU A 293 -27.90 -19.21 -37.37
CA LEU A 293 -27.88 -19.91 -38.65
C LEU A 293 -27.27 -21.29 -38.50
N ALA A 294 -26.20 -21.40 -37.71
CA ALA A 294 -25.54 -22.68 -37.51
C ALA A 294 -26.41 -23.61 -36.67
N ILE A 295 -27.06 -23.07 -35.64
CA ILE A 295 -27.91 -23.87 -34.78
C ILE A 295 -29.13 -24.38 -35.54
N LYS A 296 -29.71 -23.51 -36.37
CA LYS A 296 -30.87 -23.90 -37.15
C LYS A 296 -30.50 -24.94 -38.22
N TYR A 297 -29.32 -24.80 -38.80
CA TYR A 297 -28.87 -25.79 -39.77
C TYR A 297 -28.75 -27.16 -39.10
N VAL A 298 -28.12 -27.19 -37.93
CA VAL A 298 -27.98 -28.44 -37.20
C VAL A 298 -29.34 -29.04 -36.83
N THR A 299 -30.26 -28.17 -36.41
CA THR A 299 -31.61 -28.62 -36.06
C THR A 299 -32.29 -29.25 -37.28
N ASN A 300 -32.16 -28.60 -38.42
CA ASN A 300 -32.80 -29.08 -39.65
C ASN A 300 -32.24 -30.46 -40.01
N TYR A 301 -30.94 -30.63 -39.82
CA TYR A 301 -30.28 -31.89 -40.12
C TYR A 301 -30.77 -32.99 -39.18
N VAL A 302 -30.78 -32.69 -37.88
CA VAL A 302 -31.21 -33.66 -36.88
C VAL A 302 -32.65 -34.10 -37.14
N LEU A 303 -33.51 -33.16 -37.49
CA LEU A 303 -34.91 -33.48 -37.77
C LEU A 303 -35.05 -34.43 -38.95
N GLY A 304 -34.16 -34.29 -39.93
CA GLY A 304 -34.21 -35.16 -41.08
C GLY A 304 -33.56 -36.51 -40.83
N HIS A 305 -33.08 -36.71 -39.60
CA HIS A 305 -32.41 -37.96 -39.25
C HIS A 305 -32.92 -38.55 -37.94
N LEU A 306 -34.24 -38.46 -37.74
CA LEU A 306 -34.86 -39.05 -36.56
C LEU A 306 -35.25 -40.49 -36.83
N GLY B 3 4.49 -17.15 -20.58
CA GLY B 3 5.45 -17.98 -19.87
C GLY B 3 6.16 -17.23 -18.76
N HIS B 4 6.63 -17.98 -17.77
CA HIS B 4 7.29 -17.39 -16.61
C HIS B 4 8.78 -17.18 -16.86
N SER B 5 9.30 -16.03 -16.43
CA SER B 5 10.74 -15.81 -16.43
C SER B 5 11.17 -15.20 -15.10
N TYR B 6 12.32 -15.62 -14.60
CA TYR B 6 12.83 -15.05 -13.36
C TYR B 6 13.54 -13.71 -13.56
N GLU B 7 13.84 -13.36 -14.80
CA GLU B 7 14.45 -12.06 -15.09
C GLU B 7 13.49 -11.15 -15.86
N LYS B 8 12.20 -11.42 -15.75
CA LYS B 8 11.18 -10.50 -16.23
C LYS B 8 10.11 -10.37 -15.17
N TYR B 9 9.36 -9.27 -15.19
CA TYR B 9 8.24 -9.13 -14.26
C TYR B 9 7.06 -9.89 -14.84
N ASN B 10 6.47 -10.76 -14.02
CA ASN B 10 5.39 -11.63 -14.48
C ASN B 10 4.04 -11.16 -13.98
N ASN B 11 3.01 -11.24 -14.82
CA ASN B 11 1.68 -10.84 -14.36
C ASN B 11 1.14 -11.91 -13.43
N TRP B 12 0.03 -11.63 -12.76
CA TRP B 12 -0.46 -12.54 -11.73
C TRP B 12 -0.80 -13.92 -12.28
N GLU B 13 -1.45 -13.98 -13.44
CA GLU B 13 -1.81 -15.28 -14.01
C GLU B 13 -0.56 -16.14 -14.16
N THR B 14 0.54 -15.52 -14.60
CA THR B 14 1.81 -16.22 -14.76
C THR B 14 2.43 -16.60 -13.41
N ILE B 15 2.39 -15.68 -12.45
CA ILE B 15 2.90 -15.99 -11.12
C ILE B 15 2.09 -17.13 -10.50
N GLU B 16 0.77 -17.07 -10.63
CA GLU B 16 -0.08 -18.14 -10.11
C GLU B 16 0.25 -19.49 -10.74
N ALA B 17 0.39 -19.53 -12.06
CA ALA B 17 0.75 -20.77 -12.74
C ALA B 17 2.12 -21.24 -12.28
N TRP B 18 3.00 -20.29 -12.00
CA TRP B 18 4.33 -20.63 -11.51
C TRP B 18 4.26 -21.28 -10.12
N THR B 19 3.38 -20.79 -9.25
CA THR B 19 3.30 -21.39 -7.92
C THR B 19 2.89 -22.85 -8.03
N LYS B 20 2.00 -23.16 -8.96
CA LYS B 20 1.57 -24.54 -9.15
C LYS B 20 2.70 -25.37 -9.74
N GLN B 21 3.38 -24.82 -10.73
CA GLN B 21 4.42 -25.57 -11.44
C GLN B 21 5.62 -25.86 -10.55
N VAL B 22 6.13 -24.84 -9.87
CA VAL B 22 7.33 -25.02 -9.08
C VAL B 22 7.04 -25.98 -7.93
N THR B 23 5.80 -25.98 -7.43
CA THR B 23 5.40 -26.89 -6.38
C THR B 23 5.27 -28.33 -6.89
N SER B 24 4.61 -28.47 -8.04
CA SER B 24 4.42 -29.80 -8.60
C SER B 24 5.75 -30.44 -8.98
N GLU B 25 6.72 -29.63 -9.37
CA GLU B 25 8.04 -30.12 -9.76
C GLU B 25 8.94 -30.42 -8.57
N ASN B 26 8.58 -29.90 -7.40
CA ASN B 26 9.44 -30.01 -6.22
C ASN B 26 8.65 -30.33 -4.96
N PRO B 27 7.80 -31.36 -4.99
CA PRO B 27 6.94 -31.62 -3.83
C PRO B 27 7.71 -32.09 -2.60
N ASP B 28 8.97 -32.45 -2.79
CA ASP B 28 9.82 -32.87 -1.68
C ASP B 28 10.42 -31.68 -0.93
N LEU B 29 10.23 -30.48 -1.47
CA LEU B 29 10.77 -29.27 -0.86
C LEU B 29 9.74 -28.14 -0.77
N ILE B 30 8.64 -28.25 -1.49
CA ILE B 30 7.64 -27.19 -1.51
C ILE B 30 6.22 -27.74 -1.38
N SER B 31 5.46 -27.18 -0.44
CA SER B 31 4.01 -27.38 -0.45
C SER B 31 3.32 -26.04 -0.61
N ARG B 32 2.25 -26.01 -1.37
CA ARG B 32 1.50 -24.78 -1.60
C ARG B 32 0.12 -24.87 -0.96
N THR B 33 -0.25 -23.81 -0.24
CA THR B 33 -1.61 -23.67 0.25
C THR B 33 -2.10 -22.26 -0.10
N ALA B 34 -3.40 -22.05 0.05
CA ALA B 34 -3.93 -20.69 0.02
C ALA B 34 -4.34 -20.35 1.44
N ILE B 35 -4.03 -19.14 1.87
CA ILE B 35 -4.34 -18.74 3.25
C ILE B 35 -5.53 -17.81 3.29
N GLY B 36 -6.14 -17.60 2.12
CA GLY B 36 -7.31 -16.74 2.05
C GLY B 36 -7.58 -16.30 0.62
N THR B 37 -8.59 -15.44 0.47
CA THR B 37 -8.89 -14.84 -0.81
C THR B 37 -8.82 -13.33 -0.72
N THR B 38 -8.49 -12.69 -1.84
CA THR B 38 -8.42 -11.24 -1.89
C THR B 38 -9.82 -10.65 -2.02
N PHE B 39 -9.92 -9.33 -1.98
CA PHE B 39 -11.19 -8.65 -2.18
C PHE B 39 -11.86 -9.08 -3.49
N LEU B 40 -11.06 -9.27 -4.53
CA LEU B 40 -11.58 -9.64 -5.84
C LEU B 40 -11.60 -11.15 -6.07
N GLY B 41 -11.29 -11.92 -5.02
CA GLY B 41 -11.48 -13.36 -5.09
C GLY B 41 -10.32 -14.15 -5.64
N ASN B 42 -9.14 -13.54 -5.67
CA ASN B 42 -7.94 -14.24 -6.08
C ASN B 42 -7.37 -15.02 -4.90
N ASN B 43 -6.61 -16.08 -5.20
CA ASN B 43 -6.08 -16.95 -4.16
C ASN B 43 -4.76 -16.45 -3.60
N ILE B 44 -4.70 -16.24 -2.29
CA ILE B 44 -3.47 -15.79 -1.65
C ILE B 44 -2.59 -16.99 -1.33
N TYR B 45 -1.67 -17.30 -2.24
CA TYR B 45 -0.85 -18.50 -2.08
C TYR B 45 0.28 -18.29 -1.09
N LEU B 46 0.60 -19.37 -0.39
CA LEU B 46 1.76 -19.41 0.50
C LEU B 46 2.56 -20.66 0.16
N LEU B 47 3.85 -20.50 -0.04
CA LEU B 47 4.71 -21.63 -0.35
C LEU B 47 5.53 -21.98 0.88
N LYS B 48 5.43 -23.22 1.33
CA LYS B 48 6.21 -23.68 2.46
C LYS B 48 7.42 -24.39 1.91
N VAL B 49 8.58 -23.76 2.04
CA VAL B 49 9.80 -24.26 1.40
C VAL B 49 10.71 -24.85 2.46
N GLY B 50 11.03 -26.13 2.30
CA GLY B 50 11.82 -26.82 3.29
C GLY B 50 11.66 -28.30 3.19
N LYS B 51 12.60 -29.05 3.77
CA LYS B 51 12.50 -30.50 3.83
C LYS B 51 11.53 -30.84 4.94
N PRO B 52 10.37 -31.44 4.58
CA PRO B 52 9.34 -31.69 5.60
C PRO B 52 9.85 -32.52 6.76
N GLY B 53 9.48 -32.12 7.98
CA GLY B 53 9.90 -32.82 9.18
C GLY B 53 9.14 -32.29 10.38
N PRO B 54 9.23 -32.98 11.53
CA PRO B 54 8.49 -32.59 12.74
C PRO B 54 9.10 -31.40 13.48
N ASN B 55 8.24 -30.58 14.08
CA ASN B 55 8.66 -29.60 15.07
C ASN B 55 9.67 -28.59 14.53
N LYS B 56 9.56 -28.25 13.26
CA LYS B 56 10.51 -27.32 12.64
C LYS B 56 10.15 -25.86 12.90
N PRO B 57 11.15 -25.06 13.30
CA PRO B 57 10.97 -23.61 13.35
C PRO B 57 10.83 -23.07 11.92
N ALA B 58 10.40 -21.82 11.80
CA ALA B 58 10.16 -21.27 10.49
C ALA B 58 10.57 -19.80 10.39
N ILE B 59 10.88 -19.37 9.16
CA ILE B 59 11.01 -17.96 8.85
C ILE B 59 9.92 -17.61 7.86
N PHE B 60 9.26 -16.49 8.09
CA PHE B 60 8.17 -16.06 7.23
C PHE B 60 8.61 -14.88 6.38
N MET B 61 8.39 -14.97 5.07
CA MET B 61 8.76 -13.88 4.17
C MET B 61 7.65 -13.60 3.17
N ASP B 62 7.27 -12.33 3.04
CA ASP B 62 6.30 -11.97 2.02
C ASP B 62 6.84 -10.93 1.06
N CYS B 63 6.24 -10.89 -0.14
CA CYS B 63 6.53 -9.87 -1.13
C CYS B 63 5.22 -9.28 -1.63
N GLY B 64 5.31 -8.14 -2.31
CA GLY B 64 4.15 -7.63 -3.01
C GLY B 64 3.05 -7.03 -2.15
N PHE B 65 3.40 -6.52 -0.98
CA PHE B 65 2.46 -5.71 -0.20
C PHE B 65 1.97 -4.55 -1.06
N HIS B 66 2.89 -3.87 -1.71
CA HIS B 66 2.57 -2.66 -2.46
C HIS B 66 2.66 -2.93 -3.96
N ALA B 67 1.60 -2.58 -4.66
CA ALA B 67 1.36 -3.08 -6.02
C ALA B 67 2.48 -2.70 -6.99
N ARG B 68 2.95 -1.47 -6.90
CA ARG B 68 3.90 -0.94 -7.88
C ARG B 68 5.35 -1.39 -7.66
N GLU B 69 5.61 -2.06 -6.54
CA GLU B 69 6.98 -2.41 -6.19
C GLU B 69 7.37 -3.75 -6.79
N TRP B 70 7.45 -3.77 -8.12
CA TRP B 70 7.53 -5.03 -8.85
C TRP B 70 8.76 -5.88 -8.56
N ILE B 71 9.86 -5.25 -8.16
CA ILE B 71 11.06 -6.02 -7.86
C ILE B 71 10.85 -6.87 -6.60
N SER B 72 9.93 -6.45 -5.74
CA SER B 72 9.58 -7.25 -4.57
C SER B 72 9.04 -8.61 -4.98
N HIS B 73 8.00 -8.61 -5.81
CA HIS B 73 7.40 -9.85 -6.29
C HIS B 73 8.47 -10.73 -6.95
N ALA B 74 9.30 -10.10 -7.77
CA ALA B 74 10.35 -10.83 -8.47
C ALA B 74 11.28 -11.55 -7.50
N PHE B 75 11.60 -10.91 -6.38
CA PHE B 75 12.53 -11.51 -5.45
C PHE B 75 12.01 -12.79 -4.82
N CYS B 76 10.74 -12.80 -4.40
CA CYS B 76 10.21 -14.01 -3.76
C CYS B 76 10.33 -15.19 -4.72
N GLN B 77 10.07 -14.94 -6.00
CA GLN B 77 10.19 -15.99 -7.00
C GLN B 77 11.63 -16.45 -7.13
N TRP B 78 12.55 -15.50 -7.22
CA TRP B 78 13.97 -15.81 -7.29
C TRP B 78 14.42 -16.68 -6.12
N PHE B 79 13.96 -16.32 -4.92
CA PHE B 79 14.38 -17.02 -3.72
C PHE B 79 13.95 -18.49 -3.77
N VAL B 80 12.72 -18.73 -4.18
CA VAL B 80 12.21 -20.10 -4.20
C VAL B 80 13.04 -20.98 -5.13
N ARG B 81 13.38 -20.45 -6.31
CA ARG B 81 14.20 -21.24 -7.22
C ARG B 81 15.56 -21.55 -6.61
N GLU B 82 16.21 -20.54 -6.05
CA GLU B 82 17.53 -20.73 -5.48
C GLU B 82 17.47 -21.83 -4.42
N ALA B 83 16.41 -21.80 -3.61
CA ALA B 83 16.29 -22.76 -2.53
C ALA B 83 16.23 -24.19 -3.07
N VAL B 84 15.35 -24.44 -4.03
CA VAL B 84 15.16 -25.80 -4.51
C VAL B 84 16.30 -26.28 -5.41
N LEU B 85 16.96 -25.35 -6.11
CA LEU B 85 18.07 -25.74 -6.99
C LEU B 85 19.35 -26.04 -6.22
N THR B 86 19.61 -25.33 -5.14
CA THR B 86 20.87 -25.49 -4.43
C THR B 86 20.78 -26.44 -3.24
N TYR B 87 19.56 -26.83 -2.87
CA TYR B 87 19.40 -27.76 -1.76
C TYR B 87 20.15 -29.06 -2.07
N GLY B 88 21.00 -29.47 -1.13
CA GLY B 88 21.77 -30.68 -1.33
C GLY B 88 23.18 -30.40 -1.83
N TYR B 89 23.41 -29.16 -2.27
CA TYR B 89 24.66 -28.82 -2.90
C TYR B 89 25.38 -27.66 -2.21
N GLU B 90 24.65 -26.61 -1.90
CA GLU B 90 25.20 -25.53 -1.09
C GLU B 90 24.92 -25.84 0.38
N SER B 91 25.96 -25.97 1.18
CA SER B 91 25.84 -26.51 2.52
C SER B 91 24.91 -25.69 3.41
N HIS B 92 24.97 -24.37 3.26
CA HIS B 92 24.17 -23.50 4.13
C HIS B 92 22.68 -23.60 3.83
N MET B 93 22.31 -23.47 2.57
CA MET B 93 20.91 -23.60 2.19
C MET B 93 20.39 -25.01 2.49
N THR B 94 21.27 -26.01 2.38
CA THR B 94 20.89 -27.37 2.72
C THR B 94 20.56 -27.47 4.20
N GLU B 95 21.42 -26.91 5.04
CA GLU B 95 21.15 -26.86 6.47
C GLU B 95 19.87 -26.08 6.75
N PHE B 96 19.69 -24.96 6.06
CA PHE B 96 18.51 -24.13 6.25
C PHE B 96 17.24 -24.96 6.06
N LEU B 97 17.14 -25.61 4.91
CA LEU B 97 15.92 -26.33 4.54
C LEU B 97 15.72 -27.58 5.37
N ASN B 98 16.80 -28.14 5.89
CA ASN B 98 16.71 -29.30 6.77
C ASN B 98 16.20 -28.92 8.15
N LYS B 99 16.66 -27.78 8.66
CA LYS B 99 16.39 -27.40 10.05
C LYS B 99 15.16 -26.52 10.21
N LEU B 100 14.82 -25.75 9.18
CA LEU B 100 13.66 -24.87 9.27
C LEU B 100 12.84 -24.84 7.98
N ASP B 101 11.68 -24.21 8.05
CA ASP B 101 10.87 -23.97 6.86
C ASP B 101 10.87 -22.49 6.54
N PHE B 102 10.84 -22.16 5.25
CA PHE B 102 10.53 -20.80 4.83
C PHE B 102 9.09 -20.77 4.37
N TYR B 103 8.28 -19.91 4.99
CA TYR B 103 6.97 -19.59 4.44
C TYR B 103 7.12 -18.39 3.52
N VAL B 104 7.00 -18.62 2.22
CA VAL B 104 7.13 -17.56 1.24
C VAL B 104 5.77 -17.19 0.66
N LEU B 105 5.35 -15.97 0.89
CA LEU B 105 4.09 -15.47 0.35
C LEU B 105 4.43 -14.57 -0.84
N PRO B 106 4.34 -15.10 -2.06
CA PRO B 106 4.91 -14.44 -3.25
C PRO B 106 4.28 -13.07 -3.57
N VAL B 107 2.96 -12.97 -3.40
CA VAL B 107 2.26 -11.71 -3.63
C VAL B 107 1.09 -11.59 -2.66
N LEU B 108 1.14 -10.59 -1.78
CA LEU B 108 0.07 -10.38 -0.82
C LEU B 108 -1.07 -9.60 -1.47
N ASN B 109 -0.72 -8.45 -2.04
CA ASN B 109 -1.71 -7.55 -2.62
C ASN B 109 -1.88 -7.86 -4.10
N ILE B 110 -2.53 -8.99 -4.37
CA ILE B 110 -2.71 -9.48 -5.73
C ILE B 110 -3.60 -8.55 -6.55
N ASP B 111 -4.67 -8.05 -5.95
CA ASP B 111 -5.62 -7.22 -6.68
C ASP B 111 -4.93 -5.94 -7.16
N GLY B 112 -4.16 -5.33 -6.28
CA GLY B 112 -3.45 -4.12 -6.64
C GLY B 112 -2.42 -4.39 -7.72
N TYR B 113 -1.76 -5.53 -7.62
CA TYR B 113 -0.73 -5.89 -8.61
C TYR B 113 -1.33 -5.99 -10.00
N ILE B 114 -2.47 -6.67 -10.10
CA ILE B 114 -3.16 -6.79 -11.38
C ILE B 114 -3.49 -5.41 -11.93
N TYR B 115 -3.89 -4.49 -11.05
CA TYR B 115 -4.25 -3.14 -11.45
C TYR B 115 -3.06 -2.39 -12.02
N THR B 116 -1.85 -2.65 -11.51
CA THR B 116 -0.67 -1.99 -12.05
C THR B 116 -0.30 -2.52 -13.43
N TRP B 117 -0.83 -3.70 -13.77
CA TRP B 117 -0.60 -4.29 -15.09
C TRP B 117 -1.65 -3.85 -16.11
N THR B 118 -2.83 -3.49 -15.62
CA THR B 118 -3.97 -3.23 -16.50
C THR B 118 -4.31 -1.76 -16.66
N LYS B 119 -4.09 -0.97 -15.62
CA LYS B 119 -4.64 0.39 -15.56
C LYS B 119 -3.65 1.47 -15.13
N ASN B 120 -2.90 1.19 -14.06
CA ASN B 120 -2.08 2.22 -13.44
C ASN B 120 -0.83 1.64 -12.80
N ARG B 121 0.30 1.77 -13.50
CA ARG B 121 1.57 1.18 -13.08
C ARG B 121 2.00 1.68 -11.71
N MET B 122 1.50 2.84 -11.30
CA MET B 122 1.96 3.45 -10.06
C MET B 122 1.01 3.26 -8.88
N TRP B 123 0.02 2.38 -9.04
CA TRP B 123 -0.89 2.06 -7.94
C TRP B 123 -0.16 1.41 -6.77
N ARG B 124 -0.60 1.71 -5.56
CA ARG B 124 0.08 1.26 -4.34
C ARG B 124 -0.82 0.35 -3.50
N LYS B 125 -2.07 0.78 -3.30
CA LYS B 125 -2.94 0.15 -2.33
C LYS B 125 -3.62 -1.12 -2.85
N THR B 126 -4.53 -1.66 -2.05
CA THR B 126 -5.40 -2.74 -2.49
C THR B 126 -6.48 -2.17 -3.40
N ARG B 127 -7.47 -2.99 -3.75
CA ARG B 127 -8.52 -2.54 -4.64
C ARG B 127 -9.92 -2.70 -4.05
N SER B 128 -10.01 -2.75 -2.72
CA SER B 128 -11.31 -2.88 -2.08
C SER B 128 -12.05 -1.55 -2.11
N THR B 129 -13.38 -1.60 -2.04
CA THR B 129 -14.20 -0.40 -2.04
C THR B 129 -14.26 0.22 -0.64
N ASN B 130 -14.62 1.49 -0.58
CA ASN B 130 -14.71 2.21 0.68
C ASN B 130 -16.07 2.90 0.78
N ALA B 131 -16.70 2.80 1.94
CA ALA B 131 -18.02 3.38 2.14
C ALA B 131 -17.99 4.89 1.97
N GLY B 132 -18.97 5.43 1.24
CA GLY B 132 -19.17 6.86 1.21
C GLY B 132 -18.26 7.61 0.25
N THR B 133 -17.53 6.88 -0.58
CA THR B 133 -16.61 7.50 -1.54
C THR B 133 -16.39 6.59 -2.75
N THR B 134 -15.93 7.18 -3.85
CA THR B 134 -15.55 6.40 -5.01
C THR B 134 -14.09 6.01 -4.95
N CYS B 135 -13.37 6.55 -3.98
CA CYS B 135 -11.95 6.23 -3.84
C CYS B 135 -11.74 4.78 -3.42
N ILE B 136 -10.74 4.15 -4.04
CA ILE B 136 -10.52 2.73 -3.89
C ILE B 136 -9.25 2.44 -3.09
N GLY B 137 -9.32 1.43 -2.23
CA GLY B 137 -8.12 0.82 -1.71
C GLY B 137 -7.67 1.28 -0.34
N THR B 138 -7.00 0.36 0.34
CA THR B 138 -6.36 0.63 1.62
C THR B 138 -4.87 0.32 1.49
N ASP B 139 -4.03 1.05 2.22
CA ASP B 139 -2.61 0.73 2.24
C ASP B 139 -2.43 -0.48 3.16
N PRO B 140 -2.05 -1.63 2.60
CA PRO B 140 -1.95 -2.83 3.43
C PRO B 140 -0.95 -2.66 4.58
N ASN B 141 0.10 -1.87 4.36
CA ASN B 141 1.10 -1.68 5.39
C ASN B 141 0.79 -0.51 6.32
N ARG B 142 -0.47 -0.08 6.31
CA ARG B 142 -1.00 0.78 7.37
C ARG B 142 -2.18 0.09 8.03
N ASN B 143 -2.40 -1.18 7.71
CA ASN B 143 -3.63 -1.85 8.08
C ASN B 143 -3.43 -2.91 9.17
N PHE B 144 -2.22 -3.00 9.73
CA PHE B 144 -1.95 -3.95 10.79
C PHE B 144 -2.08 -3.34 12.19
N ASP B 145 -2.25 -4.20 13.18
CA ASP B 145 -2.54 -3.79 14.54
C ASP B 145 -1.25 -3.40 15.26
N ALA B 146 -0.59 -2.36 14.77
CA ALA B 146 0.64 -1.86 15.36
C ALA B 146 0.55 -0.35 15.49
N GLY B 147 0.24 0.13 16.69
CA GLY B 147 -0.11 1.53 16.87
C GLY B 147 -1.09 2.00 15.80
N TRP B 148 -2.05 1.16 15.45
CA TRP B 148 -2.82 1.35 14.23
C TRP B 148 -3.37 2.75 14.00
N CYS B 149 -3.01 3.31 12.83
CA CYS B 149 -3.53 4.58 12.33
C CYS B 149 -3.31 5.76 13.26
N THR B 150 -2.25 5.70 14.06
CA THR B 150 -1.96 6.79 14.99
C THR B 150 -0.95 7.80 14.46
N THR B 151 -0.16 7.39 13.47
CA THR B 151 0.85 8.28 12.90
C THR B 151 1.27 7.82 11.51
N GLY B 152 1.72 8.75 10.68
CA GLY B 152 2.21 8.39 9.36
C GLY B 152 1.18 7.66 8.52
N ALA B 153 -0.09 7.93 8.77
CA ALA B 153 -1.19 7.28 8.07
C ALA B 153 -2.34 8.25 7.88
N SER B 154 -3.28 7.91 7.01
CA SER B 154 -4.41 8.78 6.74
C SER B 154 -5.72 8.07 7.02
N THR B 155 -6.71 8.83 7.51
CA THR B 155 -8.06 8.31 7.67
C THR B 155 -8.90 8.62 6.44
N ASP B 156 -8.28 9.24 5.43
CA ASP B 156 -8.97 9.56 4.18
C ASP B 156 -8.78 8.42 3.19
N PRO B 157 -9.89 7.80 2.76
CA PRO B 157 -9.84 6.64 1.85
C PRO B 157 -9.12 6.96 0.54
N CYS B 158 -9.06 8.25 0.21
CA CYS B 158 -8.49 8.67 -1.07
C CYS B 158 -6.97 8.76 -1.02
N ASP B 159 -6.42 8.69 0.19
CA ASP B 159 -4.98 8.88 0.37
C ASP B 159 -4.19 7.58 0.19
N GLU B 160 -2.95 7.73 -0.22
CA GLU B 160 -2.08 6.59 -0.50
C GLU B 160 -1.76 5.77 0.74
N THR B 161 -1.85 6.40 1.91
CA THR B 161 -1.57 5.71 3.17
C THR B 161 -2.83 5.49 3.98
N TYR B 162 -3.98 5.40 3.32
CA TYR B 162 -5.22 5.14 4.02
C TYR B 162 -5.10 3.88 4.88
N CYS B 163 -5.50 4.00 6.13
CA CYS B 163 -5.22 2.93 7.08
C CYS B 163 -6.36 1.93 7.18
N GLY B 164 -7.46 2.19 6.47
CA GLY B 164 -8.61 1.31 6.54
C GLY B 164 -9.56 1.71 7.65
N SER B 165 -10.65 0.96 7.80
CA SER B 165 -11.66 1.29 8.81
C SER B 165 -11.28 0.78 10.20
N ALA B 166 -10.44 -0.24 10.23
CA ALA B 166 -9.96 -0.81 11.47
C ALA B 166 -8.76 -1.68 11.12
N ALA B 167 -7.94 -2.00 12.10
CA ALA B 167 -6.82 -2.90 11.83
C ALA B 167 -7.38 -4.21 11.27
N GLU B 168 -6.74 -4.72 10.22
CA GLU B 168 -7.13 -5.97 9.57
C GLU B 168 -8.49 -5.92 8.88
N SER B 169 -8.92 -4.72 8.51
CA SER B 169 -10.18 -4.55 7.79
C SER B 169 -10.08 -5.11 6.37
N GLU B 170 -8.86 -5.24 5.85
CA GLU B 170 -8.64 -5.84 4.53
C GLU B 170 -8.57 -7.36 4.65
N LYS B 171 -9.19 -8.06 3.71
CA LYS B 171 -9.13 -9.51 3.68
C LYS B 171 -7.70 -10.01 3.64
N GLU B 172 -6.85 -9.32 2.88
CA GLU B 172 -5.48 -9.78 2.65
C GLU B 172 -4.65 -9.70 3.93
N THR B 173 -4.79 -8.61 4.67
CA THR B 173 -4.00 -8.43 5.88
C THR B 173 -4.54 -9.31 7.01
N LYS B 174 -5.86 -9.46 7.07
CA LYS B 174 -6.48 -10.38 8.02
C LYS B 174 -5.95 -11.79 7.79
N ALA B 175 -5.87 -12.18 6.52
CA ALA B 175 -5.41 -13.53 6.17
C ALA B 175 -3.98 -13.75 6.62
N LEU B 176 -3.12 -12.76 6.38
CA LEU B 176 -1.72 -12.87 6.76
C LEU B 176 -1.59 -12.90 8.29
N ALA B 177 -2.30 -12.00 8.96
CA ALA B 177 -2.24 -11.94 10.42
C ALA B 177 -2.77 -13.22 11.03
N ASP B 178 -3.84 -13.77 10.44
CA ASP B 178 -4.42 -15.02 10.91
C ASP B 178 -3.41 -16.16 10.80
N PHE B 179 -2.70 -16.21 9.68
CA PHE B 179 -1.75 -17.30 9.49
C PHE B 179 -0.62 -17.21 10.50
N ILE B 180 -0.07 -16.02 10.68
CA ILE B 180 1.02 -15.85 11.62
C ILE B 180 0.60 -16.14 13.06
N ARG B 181 -0.57 -15.66 13.45
CA ARG B 181 -1.09 -15.96 14.80
C ARG B 181 -1.23 -17.46 15.01
N ASN B 182 -1.67 -18.18 13.97
CA ASN B 182 -1.92 -19.61 14.10
C ASN B 182 -0.63 -20.42 14.14
N ASN B 183 0.47 -19.81 13.70
CA ASN B 183 1.75 -20.49 13.66
C ASN B 183 2.84 -19.75 14.44
N LEU B 184 2.42 -18.98 15.44
CA LEU B 184 3.34 -18.13 16.18
C LEU B 184 4.48 -18.91 16.81
N SER B 185 4.17 -20.06 17.40
CA SER B 185 5.16 -20.80 18.15
C SER B 185 6.33 -21.28 17.29
N SER B 186 6.12 -21.36 15.98
CA SER B 186 7.16 -21.85 15.09
C SER B 186 7.92 -20.73 14.37
N ILE B 187 7.27 -19.59 14.16
CA ILE B 187 7.85 -18.52 13.37
C ILE B 187 8.83 -17.68 14.19
N LYS B 188 10.09 -17.67 13.77
CA LYS B 188 11.17 -17.05 14.54
C LYS B 188 11.66 -15.76 13.88
N ALA B 189 11.37 -15.58 12.61
CA ALA B 189 11.70 -14.35 11.92
C ALA B 189 10.63 -13.95 10.93
N TYR B 190 10.49 -12.65 10.72
CA TYR B 190 9.55 -12.12 9.75
C TYR B 190 10.29 -11.17 8.82
N LEU B 191 10.18 -11.42 7.52
CA LEU B 191 10.88 -10.60 6.53
C LEU B 191 9.87 -10.14 5.48
N THR B 192 9.76 -8.83 5.28
CA THR B 192 8.79 -8.30 4.34
C THR B 192 9.49 -7.44 3.29
N ILE B 193 9.27 -7.76 2.02
CA ILE B 193 10.09 -7.22 0.94
C ILE B 193 9.38 -6.09 0.21
N HIS B 194 10.05 -4.95 0.12
CA HIS B 194 9.51 -3.75 -0.51
C HIS B 194 10.57 -3.14 -1.45
N SER B 195 10.18 -2.12 -2.22
CA SER B 195 11.15 -1.21 -2.84
C SER B 195 10.54 0.19 -2.84
N TYR B 196 11.35 1.23 -3.03
CA TYR B 196 12.79 1.15 -3.18
C TYR B 196 13.43 2.00 -2.07
N SER B 197 14.76 2.00 -2.02
CA SER B 197 15.56 2.90 -1.16
C SER B 197 16.87 2.27 -0.72
N GLN B 198 17.00 0.95 -0.90
CA GLN B 198 18.19 0.22 -0.46
C GLN B 198 18.43 0.39 1.04
N MET B 199 17.52 -0.17 1.82
CA MET B 199 17.59 -0.12 3.28
C MET B 199 17.15 -1.46 3.88
N ILE B 200 17.65 -1.75 5.07
CA ILE B 200 17.05 -2.75 5.93
C ILE B 200 16.52 -2.05 7.18
N LEU B 201 15.21 -2.10 7.37
CA LEU B 201 14.59 -1.48 8.53
C LEU B 201 14.13 -2.53 9.54
N TYR B 202 14.12 -2.16 10.81
CA TYR B 202 13.49 -2.98 11.83
C TYR B 202 12.68 -2.09 12.75
N PRO B 203 11.91 -2.68 13.69
CA PRO B 203 11.00 -1.86 14.51
C PRO B 203 11.74 -0.81 15.36
N TYR B 204 11.07 0.28 15.70
CA TYR B 204 9.66 0.52 15.39
C TYR B 204 9.48 1.66 14.39
N SER B 205 8.36 1.62 13.66
CA SER B 205 7.95 2.75 12.86
C SER B 205 6.73 3.48 13.45
N TYR B 206 5.90 2.79 14.22
CA TYR B 206 4.71 3.45 14.75
C TYR B 206 5.00 4.31 15.98
N ASP B 207 6.23 4.20 16.48
CA ASP B 207 6.69 5.04 17.59
C ASP B 207 8.21 5.13 17.49
N TYR B 208 8.81 6.15 18.08
CA TYR B 208 10.26 6.29 18.06
C TYR B 208 10.92 5.44 19.14
N LYS B 209 10.10 4.80 19.97
CA LYS B 209 10.63 3.89 21.00
C LYS B 209 11.49 2.83 20.34
N LEU B 210 12.50 2.36 21.06
CA LEU B 210 13.38 1.32 20.53
C LEU B 210 12.93 -0.05 20.97
N PRO B 211 13.13 -1.07 20.12
CA PRO B 211 12.86 -2.45 20.52
C PRO B 211 13.88 -2.87 21.57
N GLU B 212 13.50 -3.79 22.45
CA GLU B 212 14.38 -4.20 23.53
C GLU B 212 15.68 -4.81 23.02
N ASN B 213 15.63 -5.48 21.87
CA ASN B 213 16.84 -6.01 21.28
C ASN B 213 17.37 -5.14 20.14
N ASN B 214 17.23 -3.83 20.30
CA ASN B 214 17.72 -2.88 19.31
C ASN B 214 19.19 -3.09 18.96
N ALA B 215 20.03 -3.35 19.96
CA ALA B 215 21.46 -3.50 19.72
C ALA B 215 21.73 -4.71 18.83
N GLU B 216 21.05 -5.82 19.13
CA GLU B 216 21.21 -7.04 18.36
C GLU B 216 20.73 -6.86 16.92
N LEU B 217 19.59 -6.20 16.76
CA LEU B 217 19.00 -5.99 15.44
C LEU B 217 19.87 -5.05 14.62
N ASN B 218 20.44 -4.04 15.27
CA ASN B 218 21.28 -3.09 14.55
C ASN B 218 22.55 -3.77 14.06
N ASN B 219 23.13 -4.60 14.91
CA ASN B 219 24.34 -5.33 14.55
C ASN B 219 24.07 -6.32 13.43
N LEU B 220 22.89 -6.94 13.47
CA LEU B 220 22.51 -7.92 12.46
C LEU B 220 22.30 -7.24 11.12
N ALA B 221 21.58 -6.11 11.14
CA ALA B 221 21.35 -5.37 9.91
C ALA B 221 22.66 -4.88 9.32
N LYS B 222 23.55 -4.39 10.19
CA LYS B 222 24.85 -3.90 9.74
C LYS B 222 25.64 -4.98 9.02
N ALA B 223 25.63 -6.19 9.57
CA ALA B 223 26.38 -7.29 8.99
C ALA B 223 25.73 -7.74 7.69
N ALA B 224 24.39 -7.67 7.64
CA ALA B 224 23.66 -8.13 6.46
C ALA B 224 23.89 -7.19 5.28
N VAL B 225 23.94 -5.89 5.53
CA VAL B 225 24.18 -4.93 4.47
C VAL B 225 25.62 -5.01 3.98
N LYS B 226 26.54 -5.31 4.89
CA LYS B 226 27.93 -5.54 4.51
C LYS B 226 28.02 -6.74 3.56
N GLU B 227 27.36 -7.83 3.94
CA GLU B 227 27.32 -9.03 3.13
C GLU B 227 26.72 -8.74 1.76
N LEU B 228 25.64 -7.96 1.73
CA LEU B 228 24.96 -7.65 0.47
C LEU B 228 25.90 -6.90 -0.47
N ALA B 229 26.71 -6.01 0.07
CA ALA B 229 27.58 -5.17 -0.74
C ALA B 229 28.70 -5.96 -1.43
N THR B 230 28.99 -7.15 -0.91
CA THR B 230 30.14 -7.91 -1.42
C THR B 230 30.01 -8.29 -2.89
N LEU B 231 28.77 -8.39 -3.37
CA LEU B 231 28.55 -8.95 -4.69
C LEU B 231 28.76 -7.91 -5.80
N TYR B 232 28.15 -6.74 -5.65
CA TYR B 232 28.19 -5.70 -6.68
C TYR B 232 28.42 -4.31 -6.09
N GLY B 233 28.74 -4.25 -4.81
CA GLY B 233 29.07 -2.99 -4.18
C GLY B 233 27.88 -2.12 -3.81
N THR B 234 26.68 -2.68 -3.94
CA THR B 234 25.47 -1.92 -3.68
C THR B 234 25.38 -1.53 -2.21
N LYS B 235 25.13 -0.24 -1.95
CA LYS B 235 25.14 0.27 -0.59
C LYS B 235 23.75 0.42 0.01
N TYR B 236 23.55 -0.24 1.15
CA TYR B 236 22.30 -0.14 1.91
C TYR B 236 22.56 0.63 3.21
N THR B 237 21.55 1.38 3.67
CA THR B 237 21.54 1.89 5.03
C THR B 237 20.54 1.09 5.85
N TYR B 238 20.53 1.29 7.16
CA TYR B 238 19.73 0.46 8.04
C TYR B 238 19.42 1.16 9.37
N GLY B 239 18.39 0.67 10.05
CA GLY B 239 18.07 1.18 11.37
C GLY B 239 16.59 1.03 11.68
N PRO B 240 16.15 1.53 12.85
CA PRO B 240 14.73 1.51 13.22
C PRO B 240 13.92 2.33 12.24
N GLY B 241 12.72 1.86 11.91
CA GLY B 241 11.93 2.51 10.88
C GLY B 241 11.69 3.99 11.07
N ALA B 242 11.21 4.38 12.24
CA ALA B 242 10.78 5.75 12.46
C ALA B 242 11.90 6.75 12.20
N THR B 243 13.09 6.47 12.71
CA THR B 243 14.20 7.40 12.62
C THR B 243 14.93 7.30 11.29
N THR B 244 14.87 6.13 10.67
CA THR B 244 15.64 5.88 9.47
C THR B 244 14.95 6.30 8.18
N ILE B 245 13.62 6.25 8.16
CA ILE B 245 12.91 6.67 6.96
C ILE B 245 11.74 7.62 7.25
N TYR B 246 10.78 7.17 8.05
CA TYR B 246 9.74 8.05 8.59
C TYR B 246 8.88 7.28 9.58
N PRO B 247 8.21 8.01 10.49
CA PRO B 247 7.21 7.38 11.36
C PRO B 247 5.98 6.95 10.55
N ALA B 248 5.49 5.76 10.84
CA ALA B 248 4.33 5.23 10.14
C ALA B 248 3.76 4.06 10.93
N ALA B 249 2.50 4.15 11.27
CA ALA B 249 1.84 3.11 12.06
C ALA B 249 1.19 2.07 11.17
N GLY B 250 0.89 0.91 11.75
CA GLY B 250 0.10 -0.09 11.07
C GLY B 250 0.89 -1.02 10.17
N GLY B 251 2.20 -1.04 10.32
CA GLY B 251 3.03 -1.87 9.47
C GLY B 251 3.17 -3.30 9.98
N SER B 252 3.34 -4.24 9.06
CA SER B 252 3.41 -5.65 9.42
C SER B 252 4.70 -6.02 10.16
N ASP B 253 5.79 -5.33 9.87
CA ASP B 253 7.03 -5.62 10.58
C ASP B 253 6.89 -5.34 12.07
N ASP B 254 6.29 -4.20 12.40
CA ASP B 254 6.07 -3.85 13.81
C ASP B 254 5.06 -4.80 14.45
N TRP B 255 4.00 -5.13 13.73
CA TRP B 255 2.98 -6.03 14.28
C TRP B 255 3.59 -7.40 14.59
N ALA B 256 4.34 -7.95 13.65
CA ALA B 256 4.95 -9.26 13.84
C ALA B 256 5.88 -9.25 15.05
N TYR B 257 6.65 -8.16 15.19
CA TYR B 257 7.56 -8.03 16.31
C TYR B 257 6.79 -8.00 17.61
N ASP B 258 5.69 -7.25 17.63
CA ASP B 258 4.87 -7.15 18.84
C ASP B 258 4.19 -8.48 19.20
N GLN B 259 4.13 -9.39 18.23
CA GLN B 259 3.58 -10.73 18.48
C GLN B 259 4.63 -11.64 19.10
N GLY B 260 5.88 -11.17 19.15
CA GLY B 260 6.93 -11.93 19.80
C GLY B 260 7.98 -12.45 18.84
N ILE B 261 7.86 -12.10 17.57
CA ILE B 261 8.84 -12.50 16.57
C ILE B 261 9.99 -11.51 16.62
N LYS B 262 11.12 -11.96 17.18
CA LYS B 262 12.17 -11.04 17.61
C LYS B 262 13.01 -10.49 16.46
N TYR B 263 13.04 -11.21 15.35
CA TYR B 263 13.78 -10.76 14.18
C TYR B 263 12.81 -10.39 13.08
N SER B 264 12.57 -9.09 12.92
CA SER B 264 11.56 -8.59 12.00
C SER B 264 12.17 -7.46 11.18
N PHE B 265 12.19 -7.63 9.87
CA PHE B 265 12.85 -6.66 8.99
C PHE B 265 11.99 -6.31 7.78
N THR B 266 11.97 -5.03 7.44
CA THR B 266 11.50 -4.60 6.14
C THR B 266 12.70 -4.33 5.24
N PHE B 267 12.74 -4.99 4.09
CA PHE B 267 13.78 -4.75 3.10
C PHE B 267 13.27 -3.76 2.06
N GLU B 268 14.07 -2.75 1.75
CA GLU B 268 13.79 -1.87 0.63
C GLU B 268 14.88 -2.12 -0.42
N LEU B 269 14.49 -2.68 -1.56
CA LEU B 269 15.47 -3.09 -2.55
C LEU B 269 15.85 -1.91 -3.47
N ARG B 270 16.55 -2.20 -4.56
CA ARG B 270 17.01 -1.17 -5.49
C ARG B 270 15.82 -0.41 -6.09
N ASP B 271 16.04 0.82 -6.56
CA ASP B 271 17.32 1.50 -6.40
C ASP B 271 17.19 2.64 -5.38
N LYS B 272 17.83 3.78 -5.65
CA LYS B 272 17.73 4.92 -4.74
C LYS B 272 17.01 6.08 -5.38
N GLY B 273 16.37 5.83 -6.52
CA GLY B 273 15.48 6.82 -7.09
C GLY B 273 15.67 7.11 -8.56
N ARG B 274 16.74 6.60 -9.15
CA ARG B 274 16.98 6.84 -10.57
C ARG B 274 15.83 6.28 -11.39
N TYR B 275 15.48 5.03 -11.12
CA TYR B 275 14.33 4.42 -11.77
C TYR B 275 13.18 4.24 -10.79
N GLY B 276 13.50 4.22 -9.50
CA GLY B 276 12.47 4.12 -8.48
C GLY B 276 11.72 2.81 -8.56
N PHE B 277 10.39 2.90 -8.62
CA PHE B 277 9.53 1.72 -8.68
C PHE B 277 9.63 1.02 -10.03
N ILE B 278 10.07 1.76 -11.04
CA ILE B 278 10.13 1.21 -12.38
C ILE B 278 11.54 0.70 -12.65
N LEU B 279 12.00 -0.20 -11.80
CA LEU B 279 13.35 -0.74 -11.94
C LEU B 279 13.41 -1.58 -13.20
N PRO B 280 14.42 -1.33 -14.04
CA PRO B 280 14.54 -2.09 -15.29
C PRO B 280 14.68 -3.59 -15.03
N GLU B 281 14.05 -4.39 -15.88
CA GLU B 281 14.17 -5.84 -15.80
C GLU B 281 15.63 -6.27 -15.87
N SER B 282 16.47 -5.48 -16.51
CA SER B 282 17.88 -5.83 -16.63
C SER B 282 18.60 -5.86 -15.28
N GLN B 283 17.97 -5.31 -14.25
CA GLN B 283 18.56 -5.30 -12.91
C GLN B 283 17.95 -6.34 -11.97
N ILE B 284 16.98 -7.09 -12.45
CA ILE B 284 16.34 -8.09 -11.59
C ILE B 284 17.34 -9.10 -11.05
N GLN B 285 18.12 -9.70 -11.95
CA GLN B 285 19.07 -10.74 -11.54
C GLN B 285 20.05 -10.25 -10.47
N ALA B 286 20.70 -9.12 -10.73
CA ALA B 286 21.71 -8.61 -9.81
C ALA B 286 21.08 -8.20 -8.49
N THR B 287 19.92 -7.55 -8.55
CA THR B 287 19.22 -7.15 -7.34
C THR B 287 18.87 -8.36 -6.48
N CYS B 288 18.33 -9.39 -7.11
CA CYS B 288 17.90 -10.57 -6.37
C CYS B 288 19.08 -11.34 -5.79
N GLU B 289 20.17 -11.44 -6.56
CA GLU B 289 21.33 -12.19 -6.11
C GLU B 289 21.96 -11.57 -4.86
N GLU B 290 22.15 -10.25 -4.85
CA GLU B 290 22.74 -9.59 -3.69
C GLU B 290 21.77 -9.62 -2.51
N THR B 291 20.47 -9.52 -2.79
CA THR B 291 19.48 -9.59 -1.73
C THR B 291 19.49 -10.98 -1.07
N MET B 292 19.68 -12.01 -1.89
CA MET B 292 19.80 -13.37 -1.38
C MET B 292 20.88 -13.49 -0.31
N LEU B 293 21.99 -12.80 -0.49
CA LEU B 293 23.09 -12.89 0.46
C LEU B 293 22.67 -12.33 1.82
N ALA B 294 21.90 -11.25 1.81
CA ALA B 294 21.42 -10.65 3.05
C ALA B 294 20.40 -11.56 3.73
N ILE B 295 19.47 -12.10 2.94
CA ILE B 295 18.45 -12.97 3.49
C ILE B 295 19.05 -14.23 4.09
N LYS B 296 20.02 -14.82 3.39
CA LYS B 296 20.69 -16.00 3.90
C LYS B 296 21.51 -15.70 5.16
N TYR B 297 22.09 -14.50 5.21
CA TYR B 297 22.87 -14.13 6.38
C TYR B 297 21.96 -14.06 7.61
N VAL B 298 20.82 -13.40 7.46
CA VAL B 298 19.85 -13.32 8.54
C VAL B 298 19.35 -14.70 8.94
N THR B 299 19.09 -15.55 7.96
CA THR B 299 18.60 -16.89 8.21
C THR B 299 19.61 -17.69 9.03
N ASN B 300 20.87 -17.62 8.64
CA ASN B 300 21.90 -18.35 9.36
C ASN B 300 22.02 -17.85 10.79
N TYR B 301 21.87 -16.53 10.97
CA TYR B 301 21.92 -15.97 12.31
C TYR B 301 20.77 -16.51 13.15
N VAL B 302 19.56 -16.48 12.59
CA VAL B 302 18.38 -16.92 13.33
C VAL B 302 18.49 -18.39 13.70
N LEU B 303 19.04 -19.20 12.82
CA LEU B 303 19.22 -20.62 13.08
C LEU B 303 20.10 -20.84 14.31
N GLY B 304 21.08 -19.96 14.49
CA GLY B 304 22.01 -20.11 15.59
C GLY B 304 21.56 -19.40 16.85
N HIS B 305 20.44 -18.68 16.75
CA HIS B 305 19.92 -17.92 17.88
C HIS B 305 18.44 -18.20 18.10
N LEU B 306 18.08 -19.47 18.13
CA LEU B 306 16.69 -19.87 18.31
C LEU B 306 16.30 -19.84 19.79
N THR C 2 -1.91 46.66 12.96
CA THR C 2 -1.14 46.80 11.72
C THR C 2 -0.82 45.43 11.12
N GLY C 3 -0.90 45.35 9.79
CA GLY C 3 -0.68 44.10 9.11
C GLY C 3 0.72 43.56 9.33
N HIS C 4 0.82 42.24 9.46
CA HIS C 4 2.09 41.58 9.70
C HIS C 4 2.88 41.43 8.40
N SER C 5 4.19 41.64 8.49
CA SER C 5 5.09 41.31 7.39
C SER C 5 6.35 40.64 7.93
N TYR C 6 6.83 39.64 7.20
CA TYR C 6 8.07 38.96 7.59
C TYR C 6 9.30 39.74 7.15
N GLU C 7 9.08 40.77 6.34
CA GLU C 7 10.18 41.58 5.82
C GLU C 7 10.14 43.00 6.36
N LYS C 8 9.36 43.22 7.41
CA LYS C 8 9.36 44.48 8.12
C LYS C 8 9.36 44.19 9.62
N TYR C 9 9.75 45.17 10.43
CA TYR C 9 9.68 45.00 11.88
C TYR C 9 8.25 45.25 12.34
N ASN C 10 7.73 44.32 13.14
CA ASN C 10 6.34 44.39 13.60
C ASN C 10 6.26 44.77 15.07
N ASN C 11 5.33 45.65 15.43
CA ASN C 11 5.16 46.00 16.84
C ASN C 11 4.53 44.84 17.60
N TRP C 12 4.50 44.94 18.92
CA TRP C 12 4.05 43.80 19.72
C TRP C 12 2.61 43.40 19.43
N GLU C 13 1.72 44.37 19.29
CA GLU C 13 0.33 44.04 18.98
C GLU C 13 0.25 43.18 17.73
N THR C 14 1.05 43.52 16.72
CA THR C 14 1.07 42.75 15.49
C THR C 14 1.68 41.35 15.69
N ILE C 15 2.79 41.27 16.41
CA ILE C 15 3.42 39.98 16.66
C ILE C 15 2.49 39.09 17.48
N GLU C 16 1.84 39.66 18.48
CA GLU C 16 0.88 38.91 19.28
C GLU C 16 -0.24 38.36 18.41
N ALA C 17 -0.84 39.22 17.60
CA ALA C 17 -1.89 38.79 16.68
C ALA C 17 -1.36 37.71 15.74
N TRP C 18 -0.10 37.84 15.34
CA TRP C 18 0.51 36.85 14.46
C TRP C 18 0.64 35.49 15.15
N THR C 19 1.02 35.48 16.43
CA THR C 19 1.16 34.21 17.12
C THR C 19 -0.19 33.48 17.15
N LYS C 20 -1.27 34.25 17.25
CA LYS C 20 -2.60 33.66 17.26
C LYS C 20 -2.96 33.15 15.86
N GLN C 21 -2.68 33.97 14.85
CA GLN C 21 -3.06 33.66 13.48
C GLN C 21 -2.27 32.49 12.90
N VAL C 22 -0.96 32.48 13.12
CA VAL C 22 -0.12 31.45 12.52
C VAL C 22 -0.44 30.10 13.17
N THR C 23 -0.86 30.14 14.43
CA THR C 23 -1.28 28.94 15.13
C THR C 23 -2.60 28.43 14.56
N SER C 24 -3.56 29.33 14.37
CA SER C 24 -4.85 28.95 13.80
C SER C 24 -4.71 28.37 12.40
N GLU C 25 -3.76 28.90 11.63
CA GLU C 25 -3.57 28.46 10.25
C GLU C 25 -2.85 27.13 10.15
N ASN C 26 -2.12 26.77 11.20
CA ASN C 26 -1.32 25.55 11.20
C ASN C 26 -1.58 24.71 12.44
N PRO C 27 -2.82 24.25 12.62
CA PRO C 27 -3.24 23.56 13.84
C PRO C 27 -2.52 22.23 14.06
N ASP C 28 -2.03 21.63 12.98
CA ASP C 28 -1.39 20.32 13.06
C ASP C 28 0.12 20.43 13.25
N LEU C 29 0.62 21.66 13.36
CA LEU C 29 2.06 21.87 13.47
C LEU C 29 2.42 22.87 14.56
N ILE C 30 1.46 23.70 14.97
CA ILE C 30 1.73 24.71 15.97
C ILE C 30 0.67 24.75 17.06
N SER C 31 1.13 24.80 18.31
CA SER C 31 0.26 25.15 19.42
C SER C 31 0.89 26.30 20.20
N ARG C 32 0.05 27.10 20.83
CA ARG C 32 0.51 28.32 21.49
C ARG C 32 0.12 28.32 22.95
N THR C 33 1.07 28.68 23.81
CA THR C 33 0.80 28.87 25.22
C THR C 33 1.44 30.16 25.70
N ALA C 34 1.21 30.51 26.96
CA ALA C 34 1.94 31.59 27.61
C ALA C 34 2.64 31.00 28.82
N ILE C 35 3.93 31.32 28.97
CA ILE C 35 4.72 30.75 30.06
C ILE C 35 4.72 31.66 31.28
N GLY C 36 4.03 32.78 31.17
CA GLY C 36 3.98 33.74 32.26
C GLY C 36 3.56 35.10 31.76
N THR C 37 3.70 36.10 32.62
CA THR C 37 3.43 37.48 32.21
C THR C 37 4.61 38.38 32.53
N THR C 38 4.64 39.54 31.88
CA THR C 38 5.71 40.50 32.10
C THR C 38 5.40 41.40 33.29
N PHE C 39 6.35 42.28 33.63
CA PHE C 39 6.13 43.23 34.70
C PHE C 39 4.86 44.03 34.46
N LEU C 40 4.60 44.39 33.21
CA LEU C 40 3.45 45.22 32.87
C LEU C 40 2.20 44.39 32.57
N GLY C 41 2.33 43.08 32.67
CA GLY C 41 1.14 42.23 32.59
C GLY C 41 0.85 41.66 31.21
N ASN C 42 1.84 41.70 30.32
CA ASN C 42 1.67 41.14 28.99
C ASN C 42 1.97 39.64 28.99
N ASN C 43 1.24 38.89 28.17
CA ASN C 43 1.42 37.44 28.09
C ASN C 43 2.69 37.10 27.32
N ILE C 44 3.54 36.28 27.93
CA ILE C 44 4.77 35.83 27.27
C ILE C 44 4.48 34.57 26.47
N TYR C 45 4.15 34.75 25.19
CA TYR C 45 3.71 33.63 24.38
C TYR C 45 4.85 32.73 23.95
N LEU C 46 4.55 31.45 23.83
CA LEU C 46 5.50 30.44 23.39
C LEU C 46 4.81 29.59 22.33
N LEU C 47 5.47 29.39 21.19
CA LEU C 47 4.95 28.54 20.15
C LEU C 47 5.67 27.20 20.16
N LYS C 48 4.89 26.13 20.14
CA LYS C 48 5.45 24.79 20.06
C LYS C 48 5.26 24.29 18.63
N VAL C 49 6.37 24.23 17.89
CA VAL C 49 6.33 23.90 16.47
C VAL C 49 6.79 22.47 16.26
N GLY C 50 5.95 21.67 15.63
CA GLY C 50 6.29 20.26 15.42
C GLY C 50 5.06 19.40 15.16
N LYS C 51 5.28 18.21 14.65
CA LYS C 51 4.19 17.26 14.44
C LYS C 51 3.93 16.57 15.76
N PRO C 52 2.71 16.74 16.31
CA PRO C 52 2.41 16.24 17.66
C PRO C 52 2.63 14.74 17.81
N GLY C 53 3.15 14.36 18.97
CA GLY C 53 3.42 12.96 19.25
C GLY C 53 3.94 12.79 20.66
N PRO C 54 4.07 11.54 21.14
CA PRO C 54 4.55 11.21 22.49
C PRO C 54 6.06 11.32 22.67
N ASN C 55 6.49 11.67 23.87
CA ASN C 55 7.90 11.54 24.26
C ASN C 55 8.84 12.26 23.30
N LYS C 56 8.45 13.44 22.84
CA LYS C 56 9.27 14.18 21.89
C LYS C 56 10.32 15.04 22.57
N PRO C 57 11.59 14.89 22.15
CA PRO C 57 12.64 15.84 22.54
C PRO C 57 12.35 17.19 21.89
N ALA C 58 13.04 18.23 22.32
CA ALA C 58 12.79 19.56 21.80
C ALA C 58 14.07 20.39 21.71
N ILE C 59 14.04 21.39 20.84
CA ILE C 59 15.04 22.45 20.85
C ILE C 59 14.31 23.71 21.26
N PHE C 60 14.92 24.50 22.14
CA PHE C 60 14.30 25.74 22.59
C PHE C 60 15.04 26.93 22.02
N MET C 61 14.31 27.85 21.41
CA MET C 61 14.89 29.08 20.88
C MET C 61 14.08 30.29 21.34
N ASP C 62 14.76 31.30 21.88
CA ASP C 62 14.09 32.55 22.16
C ASP C 62 14.69 33.72 21.38
N CYS C 63 13.89 34.75 21.21
CA CYS C 63 14.34 36.01 20.61
C CYS C 63 13.89 37.15 21.51
N GLY C 64 14.44 38.32 21.28
CA GLY C 64 13.93 39.50 21.96
C GLY C 64 14.24 39.57 23.45
N PHE C 65 15.32 38.93 23.90
CA PHE C 65 15.82 39.19 25.24
C PHE C 65 16.02 40.69 25.42
N HIS C 66 16.65 41.31 24.43
CA HIS C 66 17.00 42.72 24.51
C HIS C 66 16.17 43.55 23.54
N ALA C 67 15.52 44.58 24.07
CA ALA C 67 14.44 45.26 23.38
C ALA C 67 14.85 45.84 22.02
N ARG C 68 16.03 46.45 21.98
CA ARG C 68 16.46 47.19 20.79
C ARG C 68 16.99 46.30 19.66
N GLU C 69 17.15 45.01 19.93
CA GLU C 69 17.73 44.11 18.94
C GLU C 69 16.65 43.54 18.01
N TRP C 70 16.05 44.43 17.22
CA TRP C 70 14.84 44.11 16.48
C TRP C 70 14.98 42.97 15.48
N ILE C 71 16.17 42.78 14.92
CA ILE C 71 16.36 41.71 13.95
C ILE C 71 16.21 40.35 14.63
N SER C 72 16.43 40.30 15.94
CA SER C 72 16.20 39.07 16.70
C SER C 72 14.74 38.65 16.65
N HIS C 73 13.85 39.57 17.04
CA HIS C 73 12.42 39.29 17.04
C HIS C 73 12.00 38.86 15.63
N ALA C 74 12.53 39.55 14.63
CA ALA C 74 12.16 39.25 13.24
C ALA C 74 12.53 37.81 12.90
N PHE C 75 13.66 37.34 13.41
CA PHE C 75 14.10 36.00 13.03
C PHE C 75 13.21 34.89 13.57
N CYS C 76 12.78 35.00 14.82
CA CYS C 76 11.90 33.96 15.37
C CYS C 76 10.65 33.82 14.52
N GLN C 77 10.12 34.95 14.05
CA GLN C 77 8.93 34.91 13.19
C GLN C 77 9.28 34.23 11.86
N TRP C 78 10.41 34.60 11.28
CA TRP C 78 10.85 34.02 10.02
C TRP C 78 10.99 32.50 10.16
N PHE C 79 11.55 32.06 11.28
CA PHE C 79 11.81 30.64 11.48
C PHE C 79 10.52 29.84 11.50
N VAL C 80 9.51 30.37 12.20
CA VAL C 80 8.24 29.66 12.33
C VAL C 80 7.61 29.47 10.96
N ARG C 81 7.62 30.50 10.14
CA ARG C 81 7.03 30.40 8.81
C ARG C 81 7.80 29.39 7.96
N GLU C 82 9.12 29.46 7.99
CA GLU C 82 9.92 28.52 7.20
C GLU C 82 9.60 27.09 7.62
N ALA C 83 9.43 26.88 8.91
CA ALA C 83 9.22 25.54 9.44
C ALA C 83 7.89 24.96 9.00
N VAL C 84 6.82 25.72 9.19
CA VAL C 84 5.48 25.21 8.90
C VAL C 84 5.24 25.10 7.41
N LEU C 85 6.02 25.85 6.63
CA LEU C 85 5.85 25.86 5.19
C LEU C 85 6.73 24.87 4.43
N THR C 86 7.90 24.56 4.98
CA THR C 86 8.76 23.56 4.34
C THR C 86 8.54 22.16 4.90
N TYR C 87 7.80 22.06 6.00
CA TYR C 87 7.43 20.75 6.52
C TYR C 87 6.63 20.00 5.47
N GLY C 88 7.02 18.75 5.22
CA GLY C 88 6.30 17.93 4.25
C GLY C 88 6.78 18.14 2.83
N TYR C 89 7.69 19.08 2.62
CA TYR C 89 8.26 19.33 1.30
C TYR C 89 9.73 18.97 1.25
N GLU C 90 10.44 19.34 2.32
CA GLU C 90 11.89 19.17 2.39
C GLU C 90 12.18 18.08 3.40
N SER C 91 13.10 17.18 3.06
CA SER C 91 13.37 16.01 3.89
C SER C 91 13.83 16.37 5.30
N HIS C 92 14.70 17.36 5.41
CA HIS C 92 15.27 17.70 6.71
C HIS C 92 14.26 18.31 7.67
N MET C 93 13.54 19.35 7.24
CA MET C 93 12.58 19.97 8.15
C MET C 93 11.48 18.97 8.51
N THR C 94 11.14 18.10 7.57
CA THR C 94 10.14 17.09 7.85
C THR C 94 10.63 16.15 8.95
N GLU C 95 11.86 15.69 8.81
CA GLU C 95 12.46 14.85 9.84
C GLU C 95 12.55 15.59 11.17
N PHE C 96 13.00 16.85 11.11
CA PHE C 96 13.12 17.67 12.32
C PHE C 96 11.82 17.68 13.12
N LEU C 97 10.72 18.02 12.44
CA LEU C 97 9.45 18.26 13.12
C LEU C 97 8.71 16.97 13.46
N ASN C 98 9.06 15.88 12.78
CA ASN C 98 8.50 14.58 13.14
C ASN C 98 9.08 14.07 14.45
N LYS C 99 10.39 14.21 14.61
CA LYS C 99 11.09 13.65 15.76
C LYS C 99 11.08 14.60 16.95
N LEU C 100 11.27 15.89 16.70
CA LEU C 100 11.34 16.85 17.79
C LEU C 100 10.36 18.01 17.67
N ASP C 101 10.23 18.75 18.77
CA ASP C 101 9.51 20.01 18.77
C ASP C 101 10.51 21.16 18.80
N PHE C 102 10.16 22.26 18.15
CA PHE C 102 10.84 23.53 18.38
C PHE C 102 9.96 24.37 19.30
N TYR C 103 10.48 24.73 20.46
CA TYR C 103 9.84 25.72 21.30
C TYR C 103 10.37 27.09 20.92
N VAL C 104 9.52 27.91 20.31
CA VAL C 104 9.93 29.22 19.86
C VAL C 104 9.25 30.30 20.69
N LEU C 105 10.06 31.07 21.41
CA LEU C 105 9.56 32.17 22.22
C LEU C 105 9.92 33.45 21.48
N PRO C 106 8.97 34.02 20.73
CA PRO C 106 9.28 35.09 19.78
C PRO C 106 9.79 36.39 20.41
N VAL C 107 9.24 36.74 21.56
CA VAL C 107 9.70 37.93 22.30
C VAL C 107 9.65 37.68 23.80
N LEU C 108 10.81 37.63 24.44
CA LEU C 108 10.84 37.43 25.89
C LEU C 108 10.55 38.76 26.58
N ASN C 109 11.27 39.80 26.19
CA ASN C 109 11.20 41.09 26.86
C ASN C 109 10.19 41.99 26.15
N ILE C 110 8.92 41.68 26.32
CA ILE C 110 7.83 42.34 25.61
C ILE C 110 7.67 43.80 26.04
N ASP C 111 7.78 44.05 27.35
CA ASP C 111 7.61 45.40 27.87
C ASP C 111 8.67 46.32 27.26
N GLY C 112 9.90 45.84 27.24
CA GLY C 112 10.98 46.63 26.67
C GLY C 112 10.80 46.85 25.18
N TYR C 113 10.34 45.83 24.47
CA TYR C 113 10.11 45.95 23.03
C TYR C 113 9.07 47.01 22.73
N ILE C 114 7.97 46.99 23.46
CA ILE C 114 6.94 48.01 23.31
C ILE C 114 7.57 49.37 23.53
N TYR C 115 8.45 49.47 24.52
CA TYR C 115 9.06 50.74 24.85
C TYR C 115 9.93 51.25 23.69
N THR C 116 10.57 50.34 22.95
CA THR C 116 11.41 50.77 21.83
C THR C 116 10.59 51.28 20.66
N TRP C 117 9.32 50.88 20.62
CA TRP C 117 8.40 51.34 19.59
C TRP C 117 7.72 52.65 19.98
N THR C 118 7.44 52.82 21.26
CA THR C 118 6.66 53.97 21.72
C THR C 118 7.51 55.15 22.19
N LYS C 119 8.70 54.86 22.71
CA LYS C 119 9.47 55.89 23.39
C LYS C 119 10.96 55.93 23.01
N ASN C 120 11.68 54.86 23.35
CA ASN C 120 13.13 54.90 23.31
C ASN C 120 13.68 53.72 22.50
N ARG C 121 14.08 53.99 21.26
CA ARG C 121 14.49 52.93 20.34
C ARG C 121 15.70 52.14 20.84
N MET C 122 16.48 52.75 21.74
CA MET C 122 17.69 52.10 22.23
C MET C 122 17.52 51.40 23.57
N TRP C 123 16.28 51.23 24.02
CA TRP C 123 16.07 50.54 25.28
C TRP C 123 16.54 49.08 25.21
N ARG C 124 17.11 48.59 26.31
CA ARG C 124 17.71 47.25 26.34
C ARG C 124 17.05 46.36 27.40
N LYS C 125 16.87 46.92 28.60
CA LYS C 125 16.47 46.14 29.77
C LYS C 125 14.97 45.84 29.81
N THR C 126 14.55 45.17 30.87
CA THR C 126 13.11 45.07 31.18
C THR C 126 12.61 46.45 31.59
N ARG C 127 11.33 46.53 31.99
CA ARG C 127 10.75 47.82 32.38
C ARG C 127 10.25 47.82 33.82
N SER C 128 10.78 46.91 34.64
CA SER C 128 10.35 46.81 36.04
C SER C 128 10.93 47.92 36.90
N THR C 129 10.26 48.18 38.01
CA THR C 129 10.74 49.17 38.97
C THR C 129 11.85 48.60 39.84
N ASN C 130 12.72 49.48 40.31
CA ASN C 130 13.81 49.12 41.21
C ASN C 130 13.65 49.86 42.52
N ALA C 131 13.77 49.14 43.63
CA ALA C 131 13.49 49.72 44.95
C ALA C 131 14.39 50.91 45.26
N GLY C 132 13.76 52.05 45.55
CA GLY C 132 14.50 53.19 46.05
C GLY C 132 15.25 54.01 45.00
N THR C 133 14.90 53.82 43.73
CA THR C 133 15.50 54.63 42.67
C THR C 133 14.52 54.84 41.54
N THR C 134 14.72 55.92 40.79
CA THR C 134 13.87 56.21 39.64
C THR C 134 14.32 55.41 38.42
N CYS C 135 15.50 54.81 38.50
CA CYS C 135 16.00 54.05 37.36
C CYS C 135 15.23 52.77 37.14
N ILE C 136 14.90 52.52 35.88
CA ILE C 136 14.03 51.42 35.51
C ILE C 136 14.80 50.26 34.87
N GLY C 137 14.43 49.04 35.25
CA GLY C 137 14.79 47.89 34.43
C GLY C 137 16.01 47.11 34.88
N THR C 138 16.00 45.84 34.52
CA THR C 138 17.12 44.92 34.76
C THR C 138 17.53 44.31 33.43
N ASP C 139 18.81 44.04 33.27
CA ASP C 139 19.27 43.36 32.06
C ASP C 139 18.91 41.88 32.18
N PRO C 140 17.97 41.39 31.35
CA PRO C 140 17.52 40.00 31.52
C PRO C 140 18.65 39.01 31.32
N ASN C 141 19.63 39.36 30.50
CA ASN C 141 20.74 38.43 30.27
C ASN C 141 21.91 38.64 31.23
N ARG C 142 21.63 39.32 32.34
CA ARG C 142 22.52 39.30 33.48
C ARG C 142 21.79 38.77 34.70
N ASN C 143 20.58 38.24 34.48
CA ASN C 143 19.65 37.96 35.57
C ASN C 143 19.49 36.47 35.87
N PHE C 144 20.27 35.63 35.19
CA PHE C 144 20.20 34.19 35.42
C PHE C 144 21.23 33.68 36.41
N ASP C 145 20.94 32.52 36.99
CA ASP C 145 21.73 31.99 38.08
C ASP C 145 22.96 31.26 37.53
N ALA C 146 23.82 32.01 36.84
CA ALA C 146 25.07 31.47 36.30
C ALA C 146 26.20 32.39 36.72
N GLY C 147 26.90 32.02 37.79
CA GLY C 147 27.90 32.91 38.37
C GLY C 147 27.32 34.30 38.56
N TRP C 148 26.08 34.36 39.03
CA TRP C 148 25.30 35.59 38.93
C TRP C 148 26.01 36.85 39.42
N CYS C 149 26.09 37.83 38.53
CA CYS C 149 26.58 39.18 38.81
C CYS C 149 28.05 39.27 39.20
N THR C 150 28.83 38.23 38.92
CA THR C 150 30.22 38.19 39.36
C THR C 150 31.17 38.91 38.41
N THR C 151 30.79 39.03 37.14
CA THR C 151 31.62 39.75 36.19
C THR C 151 30.78 40.30 35.03
N GLY C 152 31.24 41.39 34.44
CA GLY C 152 30.59 41.91 33.25
C GLY C 152 29.14 42.33 33.49
N ALA C 153 28.82 42.67 34.73
CA ALA C 153 27.46 43.07 35.09
C ALA C 153 27.52 44.17 36.13
N SER C 154 26.54 45.07 36.10
CA SER C 154 26.51 46.18 37.04
C SER C 154 25.57 45.94 38.20
N THR C 155 25.94 46.43 39.38
CA THR C 155 25.06 46.38 40.55
C THR C 155 24.23 47.65 40.69
N ASP C 156 24.42 48.57 39.75
CA ASP C 156 23.73 49.87 39.76
C ASP C 156 22.49 49.79 38.85
N PRO C 157 21.29 49.97 39.41
CA PRO C 157 20.05 49.83 38.64
C PRO C 157 19.95 50.80 37.47
N CYS C 158 20.77 51.85 37.50
CA CYS C 158 20.77 52.87 36.46
C CYS C 158 21.60 52.50 35.24
N ASP C 159 22.29 51.36 35.31
CA ASP C 159 23.17 50.90 34.23
C ASP C 159 22.46 49.89 33.33
N GLU C 160 22.91 49.82 32.08
CA GLU C 160 22.27 48.99 31.07
C GLU C 160 22.48 47.50 31.33
N THR C 161 23.49 47.16 32.12
CA THR C 161 23.76 45.76 32.42
C THR C 161 23.47 45.41 33.88
N TYR C 162 22.58 46.18 34.51
CA TYR C 162 22.18 45.89 35.88
C TYR C 162 21.75 44.44 36.01
N CYS C 163 22.33 43.73 36.97
CA CYS C 163 22.09 42.29 37.09
C CYS C 163 20.83 41.96 37.88
N GLY C 164 20.20 42.98 38.46
CA GLY C 164 18.97 42.77 39.20
C GLY C 164 19.19 42.65 40.70
N SER C 165 18.08 42.59 41.45
CA SER C 165 18.14 42.49 42.91
C SER C 165 18.52 41.07 43.35
N ALA C 166 18.29 40.11 42.47
CA ALA C 166 18.62 38.71 42.73
C ALA C 166 18.46 37.97 41.42
N ALA C 167 19.06 36.80 41.29
CA ALA C 167 18.85 35.99 40.09
C ALA C 167 17.35 35.72 39.93
N GLU C 168 16.86 35.86 38.70
CA GLU C 168 15.45 35.60 38.38
C GLU C 168 14.50 36.53 39.13
N SER C 169 14.99 37.71 39.49
CA SER C 169 14.15 38.74 40.10
C SER C 169 13.08 39.23 39.14
N GLU C 170 13.36 39.13 37.84
CA GLU C 170 12.43 39.59 36.82
C GLU C 170 11.39 38.52 36.51
N LYS C 171 10.13 38.92 36.38
CA LYS C 171 9.08 37.97 36.03
C LYS C 171 9.41 37.22 34.74
N GLU C 172 10.00 37.93 33.78
CA GLU C 172 10.26 37.32 32.47
C GLU C 172 11.35 36.25 32.53
N THR C 173 12.40 36.51 33.30
CA THR C 173 13.49 35.55 33.38
C THR C 173 13.11 34.38 34.28
N LYS C 174 12.39 34.66 35.36
CA LYS C 174 11.88 33.57 36.19
C LYS C 174 10.95 32.67 35.37
N ALA C 175 10.11 33.28 34.53
CA ALA C 175 9.22 32.50 33.69
C ALA C 175 9.99 31.58 32.74
N LEU C 176 11.03 32.11 32.13
CA LEU C 176 11.84 31.33 31.18
C LEU C 176 12.59 30.24 31.92
N ALA C 177 13.21 30.59 33.04
CA ALA C 177 13.97 29.63 33.82
C ALA C 177 13.04 28.52 34.35
N ASP C 178 11.87 28.91 34.83
CA ASP C 178 10.88 27.93 35.30
C ASP C 178 10.49 27.00 34.17
N PHE C 179 10.21 27.55 33.00
CA PHE C 179 9.78 26.72 31.88
C PHE C 179 10.85 25.71 31.51
N ILE C 180 12.10 26.17 31.40
CA ILE C 180 13.17 25.27 31.01
C ILE C 180 13.43 24.22 32.08
N ARG C 181 13.47 24.63 33.34
CA ARG C 181 13.63 23.67 34.44
C ARG C 181 12.50 22.64 34.43
N ASN C 182 11.30 23.07 34.08
CA ASN C 182 10.14 22.18 34.07
C ASN C 182 10.08 21.30 32.83
N ASN C 183 10.94 21.57 31.85
CA ASN C 183 10.93 20.83 30.61
C ASN C 183 12.30 20.29 30.20
N LEU C 184 13.16 20.04 31.18
CA LEU C 184 14.44 19.42 30.91
C LEU C 184 14.25 18.01 30.34
N SER C 185 13.06 17.46 30.54
CA SER C 185 12.74 16.15 30.00
C SER C 185 12.76 16.16 28.47
N SER C 186 12.53 17.33 27.86
CA SER C 186 12.51 17.42 26.41
C SER C 186 13.64 18.24 25.81
N ILE C 187 13.99 19.36 26.46
CA ILE C 187 14.89 20.33 25.84
C ILE C 187 16.34 19.87 25.80
N LYS C 188 16.88 19.65 24.60
CA LYS C 188 18.23 19.14 24.44
C LYS C 188 19.19 20.15 23.82
N ALA C 189 18.65 21.26 23.33
CA ALA C 189 19.48 22.36 22.87
C ALA C 189 18.80 23.70 23.17
N TYR C 190 19.61 24.71 23.43
CA TYR C 190 19.11 26.05 23.76
C TYR C 190 19.76 27.06 22.82
N LEU C 191 18.94 27.82 22.12
CA LEU C 191 19.44 28.80 21.17
C LEU C 191 18.80 30.14 21.52
N THR C 192 19.63 31.15 21.78
CA THR C 192 19.12 32.45 22.16
C THR C 192 19.63 33.53 21.20
N ILE C 193 18.70 34.28 20.61
CA ILE C 193 19.01 35.10 19.45
C ILE C 193 19.15 36.57 19.82
N HIS C 194 20.30 37.15 19.50
CA HIS C 194 20.61 38.54 19.82
C HIS C 194 21.15 39.23 18.56
N SER C 195 21.38 40.53 18.65
CA SER C 195 22.22 41.24 17.69
C SER C 195 22.94 42.34 18.47
N TYR C 196 24.00 42.92 17.91
CA TYR C 196 24.61 42.54 16.64
C TYR C 196 26.07 42.14 16.89
N SER C 197 26.72 41.59 15.87
CA SER C 197 28.17 41.35 15.87
C SER C 197 28.55 40.22 14.91
N GLN C 198 27.55 39.48 14.43
CA GLN C 198 27.78 38.34 13.56
C GLN C 198 28.71 37.31 14.20
N MET C 199 28.19 36.68 15.26
CA MET C 199 28.93 35.67 16.00
C MET C 199 28.02 34.52 16.40
N ILE C 200 28.61 33.35 16.57
CA ILE C 200 27.99 32.27 17.32
C ILE C 200 28.84 31.99 18.55
N LEU C 201 28.26 32.17 19.73
CA LEU C 201 29.00 31.95 20.99
C LEU C 201 28.48 30.73 21.71
N TYR C 202 29.39 29.98 22.32
CA TYR C 202 29.00 28.93 23.26
C TYR C 202 29.62 29.21 24.63
N PRO C 203 29.22 28.45 25.67
CA PRO C 203 29.73 28.74 27.02
C PRO C 203 31.25 28.59 27.10
N TYR C 204 31.88 29.23 28.08
CA TYR C 204 31.21 30.04 29.08
C TYR C 204 31.52 31.53 28.90
N SER C 205 30.62 32.37 29.41
CA SER C 205 30.87 33.79 29.50
C SER C 205 31.13 34.25 30.95
N TYR C 206 30.55 33.56 31.93
CA TYR C 206 30.69 34.01 33.31
C TYR C 206 32.05 33.66 33.91
N ASP C 207 32.81 32.85 33.20
CA ASP C 207 34.17 32.49 33.63
C ASP C 207 34.99 32.10 32.40
N TYR C 208 36.31 32.13 32.54
CA TYR C 208 37.18 31.79 31.42
C TYR C 208 37.31 30.28 31.21
N LYS C 209 36.71 29.50 32.11
CA LYS C 209 36.74 28.05 31.97
C LYS C 209 35.97 27.60 30.74
N LEU C 210 36.32 26.43 30.22
CA LEU C 210 35.67 25.92 29.03
C LEU C 210 34.71 24.77 29.37
N PRO C 211 33.64 24.63 28.58
CA PRO C 211 32.73 23.49 28.74
C PRO C 211 33.42 22.18 28.36
N GLU C 212 32.98 21.08 28.99
CA GLU C 212 33.58 19.78 28.76
C GLU C 212 33.63 19.41 27.28
N ASN C 213 32.54 19.70 26.57
CA ASN C 213 32.46 19.35 25.15
C ASN C 213 32.83 20.51 24.23
N ASN C 214 33.82 21.31 24.65
CA ASN C 214 34.18 22.50 23.90
C ASN C 214 34.65 22.20 22.47
N ALA C 215 35.31 21.07 22.28
CA ALA C 215 35.76 20.68 20.93
C ALA C 215 34.57 20.42 20.03
N GLU C 216 33.55 19.76 20.58
CA GLU C 216 32.32 19.50 19.86
C GLU C 216 31.60 20.81 19.52
N LEU C 217 31.50 21.70 20.50
CA LEU C 217 30.79 22.96 20.30
C LEU C 217 31.53 23.84 19.29
N ASN C 218 32.85 23.85 19.38
CA ASN C 218 33.65 24.68 18.47
C ASN C 218 33.51 24.21 17.03
N ASN C 219 33.57 22.89 16.83
CA ASN C 219 33.45 22.34 15.48
C ASN C 219 32.05 22.51 14.94
N LEU C 220 31.05 22.44 15.82
CA LEU C 220 29.67 22.68 15.42
C LEU C 220 29.50 24.12 14.96
N ALA C 221 30.05 25.06 15.73
CA ALA C 221 29.94 26.47 15.39
C ALA C 221 30.71 26.75 14.10
N LYS C 222 31.88 26.16 13.96
CA LYS C 222 32.71 26.33 12.77
C LYS C 222 31.92 25.92 11.53
N ALA C 223 31.24 24.78 11.60
CA ALA C 223 30.47 24.28 10.47
C ALA C 223 29.24 25.15 10.23
N ALA C 224 28.62 25.62 11.31
CA ALA C 224 27.41 26.43 11.19
C ALA C 224 27.68 27.78 10.52
N VAL C 225 28.79 28.43 10.88
CA VAL C 225 29.13 29.71 10.28
C VAL C 225 29.50 29.53 8.81
N LYS C 226 30.07 28.37 8.48
CA LYS C 226 30.37 28.05 7.10
C LYS C 226 29.08 27.93 6.27
N GLU C 227 28.10 27.22 6.82
CA GLU C 227 26.80 27.09 6.18
C GLU C 227 26.17 28.45 5.94
N LEU C 228 26.27 29.31 6.95
CA LEU C 228 25.63 30.62 6.90
C LEU C 228 26.24 31.47 5.78
N ALA C 229 27.56 31.37 5.61
CA ALA C 229 28.26 32.18 4.62
C ALA C 229 27.93 31.80 3.17
N THR C 230 27.40 30.61 2.97
CA THR C 230 27.17 30.11 1.60
C THR C 230 26.16 30.94 0.82
N LEU C 231 25.27 31.65 1.52
CA LEU C 231 24.17 32.33 0.87
C LEU C 231 24.56 33.72 0.35
N TYR C 232 25.10 34.55 1.23
CA TYR C 232 25.42 35.94 0.88
C TYR C 232 26.85 36.32 1.23
N GLY C 233 27.61 35.36 1.72
CA GLY C 233 29.01 35.60 2.01
C GLY C 233 29.25 36.29 3.34
N THR C 234 28.20 36.38 4.15
CA THR C 234 28.30 37.03 5.45
C THR C 234 29.23 36.27 6.38
N LYS C 235 30.18 36.99 6.98
CA LYS C 235 31.20 36.38 7.83
C LYS C 235 30.85 36.44 9.31
N TYR C 236 30.76 35.27 9.93
CA TYR C 236 30.57 35.16 11.38
C TYR C 236 31.85 34.65 12.02
N THR C 237 32.15 35.14 13.23
CA THR C 237 33.17 34.51 14.05
C THR C 237 32.48 33.70 15.15
N TYR C 238 33.27 32.95 15.91
CA TYR C 238 32.69 32.06 16.91
C TYR C 238 33.70 31.65 17.97
N GLY C 239 33.19 31.12 19.06
CA GLY C 239 34.05 30.67 20.15
C GLY C 239 33.37 30.83 21.49
N PRO C 240 34.09 30.52 22.58
CA PRO C 240 33.56 30.69 23.95
C PRO C 240 33.24 32.16 24.20
N GLY C 241 32.13 32.41 24.88
CA GLY C 241 31.70 33.78 25.08
C GLY C 241 32.76 34.70 25.70
N ALA C 242 33.40 34.25 26.77
CA ALA C 242 34.26 35.10 27.57
C ALA C 242 35.43 35.68 26.78
N THR C 243 36.02 34.85 25.92
CA THR C 243 37.21 35.28 25.16
C THR C 243 36.89 35.77 23.76
N THR C 244 35.66 35.54 23.30
CA THR C 244 35.28 35.89 21.94
C THR C 244 34.61 37.25 21.84
N ILE C 245 33.83 37.62 22.85
CA ILE C 245 33.24 38.95 22.86
C ILE C 245 33.54 39.70 24.16
N TYR C 246 33.17 39.11 25.30
CA TYR C 246 33.58 39.62 26.61
C TYR C 246 33.06 38.73 27.73
N PRO C 247 33.74 38.76 28.89
CA PRO C 247 33.21 38.05 30.06
C PRO C 247 31.96 38.74 30.59
N ALA C 248 30.95 37.94 30.93
CA ALA C 248 29.70 38.48 31.46
C ALA C 248 28.96 37.34 32.12
N ALA C 249 28.53 37.55 33.36
CA ALA C 249 27.85 36.51 34.13
C ALA C 249 26.34 36.67 34.02
N GLY C 250 25.62 35.63 34.45
CA GLY C 250 24.19 35.74 34.55
C GLY C 250 23.43 35.56 33.24
N GLY C 251 24.11 35.02 32.23
CA GLY C 251 23.47 34.83 30.93
C GLY C 251 22.73 33.51 30.80
N SER C 252 21.69 33.49 29.98
CA SER C 252 20.84 32.30 29.88
C SER C 252 21.53 31.14 29.17
N ASP C 253 22.44 31.45 28.24
CA ASP C 253 23.15 30.37 27.55
C ASP C 253 24.00 29.55 28.52
N ASP C 254 24.72 30.22 29.42
CA ASP C 254 25.55 29.53 30.41
C ASP C 254 24.66 28.78 31.40
N TRP C 255 23.57 29.42 31.81
CA TRP C 255 22.67 28.79 32.78
C TRP C 255 22.03 27.53 32.20
N ALA C 256 21.55 27.62 30.96
CA ALA C 256 20.94 26.47 30.32
C ALA C 256 21.97 25.34 30.20
N TYR C 257 23.20 25.69 29.86
CA TYR C 257 24.24 24.68 29.72
C TYR C 257 24.47 23.95 31.03
N ASP C 258 24.49 24.70 32.14
CA ASP C 258 24.74 24.09 33.43
C ASP C 258 23.53 23.31 33.96
N GLN C 259 22.41 23.41 33.25
CA GLN C 259 21.25 22.57 33.53
C GLN C 259 21.39 21.21 32.83
N GLY C 260 22.47 21.04 32.08
CA GLY C 260 22.72 19.79 31.41
C GLY C 260 22.38 19.81 29.93
N ILE C 261 21.97 20.98 29.43
CA ILE C 261 21.70 21.13 28.01
C ILE C 261 23.02 21.34 27.26
N LYS C 262 23.49 20.28 26.60
CA LYS C 262 24.86 20.21 26.08
C LYS C 262 25.10 21.20 24.95
N TYR C 263 24.04 21.54 24.23
CA TYR C 263 24.16 22.39 23.08
C TYR C 263 23.45 23.71 23.36
N SER C 264 24.25 24.72 23.70
CA SER C 264 23.74 26.02 24.07
C SER C 264 24.52 27.08 23.33
N PHE C 265 23.81 27.93 22.59
CA PHE C 265 24.44 28.94 21.75
C PHE C 265 23.74 30.28 21.84
N THR C 266 24.53 31.35 21.89
CA THR C 266 24.01 32.69 21.64
C THR C 266 24.37 33.09 20.22
N PHE C 267 23.36 33.46 19.43
CA PHE C 267 23.58 34.01 18.11
C PHE C 267 23.57 35.53 18.16
N GLU C 268 24.56 36.13 17.49
CA GLU C 268 24.57 37.58 17.30
C GLU C 268 24.45 37.83 15.81
N LEU C 269 23.32 38.39 15.38
CA LEU C 269 23.06 38.53 13.96
C LEU C 269 23.72 39.79 13.40
N ARG C 270 23.35 40.16 12.17
CA ARG C 270 23.93 41.35 11.52
C ARG C 270 23.63 42.62 12.31
N ASP C 271 24.44 43.67 12.13
CA ASP C 271 25.65 43.58 11.32
C ASP C 271 26.88 43.65 12.21
N LYS C 272 27.92 44.36 11.79
CA LYS C 272 29.11 44.50 12.60
C LYS C 272 29.33 45.94 13.07
N GLY C 273 28.30 46.76 12.98
CA GLY C 273 28.36 48.08 13.56
C GLY C 273 27.95 49.24 12.66
N ARG C 274 27.85 49.00 11.35
CA ARG C 274 27.49 50.09 10.45
C ARG C 274 26.13 50.67 10.82
N TYR C 275 25.14 49.78 10.97
CA TYR C 275 23.82 50.18 11.43
C TYR C 275 23.56 49.72 12.85
N GLY C 276 24.30 48.69 13.28
CA GLY C 276 24.17 48.24 14.66
C GLY C 276 22.79 47.69 14.97
N PHE C 277 22.17 48.20 16.02
CA PHE C 277 20.85 47.72 16.43
C PHE C 277 19.76 48.17 15.47
N ILE C 278 20.03 49.21 14.70
CA ILE C 278 19.04 49.76 13.79
C ILE C 278 19.26 49.21 12.39
N LEU C 279 19.18 47.88 12.26
CA LEU C 279 19.42 47.21 10.99
C LEU C 279 18.27 47.53 10.03
N PRO C 280 18.60 47.98 8.81
CA PRO C 280 17.57 48.34 7.82
C PRO C 280 16.60 47.20 7.55
N GLU C 281 15.33 47.53 7.38
CA GLU C 281 14.33 46.52 7.07
C GLU C 281 14.68 45.78 5.78
N SER C 282 15.42 46.45 4.91
CA SER C 282 15.79 45.87 3.63
C SER C 282 16.81 44.73 3.78
N GLN C 283 17.36 44.57 4.99
CA GLN C 283 18.28 43.47 5.26
C GLN C 283 17.62 42.33 6.04
N ILE C 284 16.35 42.47 6.40
CA ILE C 284 15.69 41.45 7.21
C ILE C 284 15.67 40.09 6.50
N GLN C 285 15.21 40.06 5.26
CA GLN C 285 15.08 38.79 4.55
C GLN C 285 16.41 38.05 4.43
N ALA C 286 17.43 38.74 3.93
CA ALA C 286 18.74 38.11 3.73
C ALA C 286 19.31 37.63 5.06
N THR C 287 19.16 38.45 6.09
CA THR C 287 19.68 38.09 7.41
C THR C 287 19.03 36.82 7.92
N CYS C 288 17.71 36.76 7.81
CA CYS C 288 16.99 35.61 8.30
C CYS C 288 17.27 34.35 7.48
N GLU C 289 17.38 34.51 6.16
CA GLU C 289 17.63 33.38 5.29
C GLU C 289 18.98 32.71 5.59
N GLU C 290 20.02 33.50 5.78
CA GLU C 290 21.33 32.92 6.04
C GLU C 290 21.39 32.34 7.44
N THR C 291 20.71 32.98 8.39
CA THR C 291 20.68 32.49 9.75
C THR C 291 19.98 31.14 9.81
N MET C 292 18.91 30.97 9.04
CA MET C 292 18.20 29.70 8.97
C MET C 292 19.17 28.55 8.69
N LEU C 293 20.15 28.79 7.82
CA LEU C 293 21.06 27.73 7.43
C LEU C 293 21.91 27.27 8.60
N ALA C 294 22.32 28.21 9.44
CA ALA C 294 23.08 27.88 10.63
C ALA C 294 22.21 27.15 11.63
N ILE C 295 21.00 27.66 11.85
CA ILE C 295 20.09 27.06 12.81
C ILE C 295 19.73 25.63 12.39
N LYS C 296 19.48 25.42 11.11
CA LYS C 296 19.13 24.10 10.62
C LYS C 296 20.32 23.14 10.70
N TYR C 297 21.52 23.66 10.49
CA TYR C 297 22.71 22.80 10.61
C TYR C 297 22.85 22.30 12.04
N VAL C 298 22.70 23.20 13.00
CA VAL C 298 22.79 22.83 14.41
C VAL C 298 21.69 21.85 14.77
N THR C 299 20.48 22.10 14.26
CA THR C 299 19.35 21.23 14.55
C THR C 299 19.60 19.82 14.07
N ASN C 300 20.12 19.69 12.85
CA ASN C 300 20.37 18.36 12.29
C ASN C 300 21.41 17.62 13.12
N TYR C 301 22.42 18.32 13.63
CA TYR C 301 23.41 17.68 14.47
C TYR C 301 22.80 17.21 15.78
N VAL C 302 22.03 18.08 16.43
CA VAL C 302 21.39 17.73 17.69
C VAL C 302 20.47 16.51 17.52
N LEU C 303 19.79 16.45 16.39
CA LEU C 303 18.87 15.36 16.10
C LEU C 303 19.58 14.02 16.31
N GLY C 304 20.86 13.97 15.96
CA GLY C 304 21.61 12.73 16.06
C GLY C 304 22.43 12.61 17.34
N HIS C 305 22.22 13.53 18.27
CA HIS C 305 22.96 13.51 19.52
C HIS C 305 22.09 13.90 20.71
N LEU C 306 20.92 13.28 20.79
CA LEU C 306 19.96 13.59 21.84
C LEU C 306 20.31 12.90 23.15
ZN ZN D . -16.18 -22.30 -21.71
C39 11B E . -7.08 -23.50 -19.72
C40 11B E . -5.96 -24.06 -19.07
C41 11B E . -5.51 -23.50 -17.86
C42 11B E . -6.17 -22.39 -17.31
C43 11B E . -7.28 -21.84 -17.97
C38 11B E . -7.74 -22.38 -19.18
C35 11B E . -8.85 -21.83 -19.83
O34 11B E . -9.41 -22.51 -20.96
C32 11B E . -10.45 -21.84 -21.56
O33 11B E . -10.86 -20.77 -21.07
N31 11B E . -10.96 -22.39 -22.66
C25 11B E . -12.15 -21.85 -23.36
C26 11B E . -11.91 -21.92 -24.88
C27 11B E . -10.58 -21.28 -25.30
C28 11B E . -10.51 -19.78 -24.96
C29 11B E . -9.12 -19.20 -25.27
C30 11B E . -8.77 -19.29 -26.75
P24 11B E . -13.58 -22.89 -22.89
O36 11B E . -14.80 -22.34 -23.49
O37 11B E . -13.53 -23.06 -21.41
O23 11B E . -13.25 -24.31 -23.59
C1 11B E . -14.01 -25.46 -23.20
C2 11B E . -13.41 -26.09 -21.93
O14 11B E . -14.22 -26.57 -21.10
O13 11B E . -12.16 -26.07 -21.81
C3 11B E . -14.07 -26.51 -24.34
C8 11B E . -14.52 -27.80 -24.06
C4 11B E . -13.71 -26.16 -25.66
C5 11B E . -13.79 -27.12 -26.69
C6 11B E . -14.25 -28.43 -26.40
C7 11B E . -14.62 -28.76 -25.08
N9 11B E . -15.07 -30.00 -24.79
C10 11B E . -14.47 -30.80 -23.89
N12 11B E . -13.32 -30.43 -23.30
N11 11B E . -14.99 -31.98 -23.60
ZN ZN F . 6.31 -0.78 -0.09
C39 11B G . 4.12 7.80 1.65
C40 11B G . 3.35 8.79 2.29
C41 11B G . 2.33 9.44 1.57
C42 11B G . 2.08 9.09 0.23
C43 11B G . 2.85 8.11 -0.40
C38 11B G . 3.87 7.46 0.31
C35 11B G . 4.65 6.48 -0.32
O34 11B G . 5.91 6.10 0.29
C32 11B G . 6.49 4.99 -0.27
O33 11B G . 6.16 4.61 -1.40
N31 11B G . 7.43 4.39 0.47
C25 11B G . 8.13 3.17 0.05
C26 11B G . 9.63 3.30 0.40
C27 11B G . 10.22 4.64 -0.06
C28 11B G . 10.15 4.82 -1.59
C29 11B G . 10.58 6.24 -2.00
C30 11B G . 12.03 6.55 -1.60
P24 11B G . 7.38 1.75 0.94
O36 11B G . 8.01 0.50 0.47
O37 11B G . 5.91 1.89 0.82
O23 11B G . 7.80 2.00 2.47
C1 11B G . 7.17 1.20 3.48
C2 11B G . 5.83 1.82 3.88
O14 11B G . 4.89 1.04 4.15
O13 11B G . 5.76 3.07 3.89
C3 11B G . 8.08 1.03 4.71
C8 11B G . 7.54 0.47 5.88
C4 11B G . 9.44 1.42 4.69
C5 11B G . 10.23 1.25 5.85
C6 11B G . 9.67 0.69 7.02
C7 11B G . 8.32 0.30 7.03
N9 11B G . 7.77 -0.24 8.13
C10 11B G . 6.71 0.33 8.76
N12 11B G . 6.24 1.52 8.37
N11 11B G . 6.16 -0.28 9.80
ZN ZN H . 21.40 41.16 23.26
C39 11B I . 27.64 46.60 27.40
C40 11B I . 28.31 47.18 28.50
C41 11B I . 27.81 48.37 29.06
C42 11B I . 26.65 48.97 28.54
C43 11B I . 25.99 48.39 27.45
C38 11B I . 26.48 47.19 26.88
C35 11B I . 25.82 46.62 25.79
O34 11B I . 26.24 45.32 25.31
C32 11B I . 25.56 44.88 24.21
O33 11B I . 24.66 45.56 23.72
N31 11B I . 25.96 43.71 23.71
C25 11B I . 25.26 43.03 22.61
C26 11B I . 26.30 42.46 21.63
C27 11B I . 27.36 43.50 21.23
C28 11B I . 26.76 44.71 20.49
C29 11B I . 27.81 45.80 20.25
C30 11B I . 28.97 45.30 19.37
P24 11B I . 24.25 41.69 23.33
O36 11B I . 23.44 41.05 22.28
O37 11B I . 23.54 42.28 24.50
O23 11B I . 25.34 40.64 23.87
C1 11B I . 24.90 39.62 24.78
C2 11B I . 24.87 40.17 26.22
O14 11B I . 23.95 39.76 26.96
O13 11B I . 25.75 40.99 26.54
C3 11B I . 25.81 38.38 24.70
C8 11B I . 25.69 37.39 25.68
C4 11B I . 26.74 38.22 23.65
C5 11B I . 27.54 37.06 23.60
C6 11B I . 27.42 36.07 24.60
C7 11B I . 26.48 36.24 25.63
N9 11B I . 26.33 35.31 26.58
C10 11B I . 26.51 35.57 27.89
N12 11B I . 26.96 36.77 28.30
N11 11B I . 26.27 34.62 28.79
#